data_9RFD
#
_entry.id   9RFD
#
_cell.length_a   44.79
_cell.length_b   65.76
_cell.length_c   69.92
_cell.angle_alpha   116.402
_cell.angle_beta   94.788
_cell.angle_gamma   103.731
#
_symmetry.space_group_name_H-M   'P 1'
#
loop_
_entity.id
_entity.type
_entity.pdbx_description
1 polymer 'ADP-ribosylhydrolase ARH3'
2 non-polymer 'MAGNESIUM ION'
3 non-polymer 'SULFATE ION'
4 non-polymer 'ACETIC ACID'
5 non-polymer "ADENOSINE-5'-DIPHOSPHATE"
6 water water
#
_entity_poly.entity_id   1
_entity_poly.type   'polypeptide(L)'
_entity_poly.pdbx_seq_one_letter_code
;SMAGAARSLSRFRGCLAGALLGDCVGSFYEAHDTVDLTSVLRHVQSLEPDPGTPGSERTEALYYTDDTAMARALVQSLLA
KEAFDEVDMAHRFAQEYKKDPDRGYGAGVVTVFKKLLNPKCRDVFEPARAQFNGKGSYGNGGAMRVAGISLAYSSVQDVQ
KFARLSAQLTHASSLGYNGAILQALAVHLALQGESSSEHFLKQLLGHMEDLEGDAQSVLDARELGMEERPYSSRLKKIGE
LLDQASVTREEVVSELGNGIAAFESVPTAIYCFLRCMEPDPEIPSAFNSLQRTLIYSISLGGDTDTIATMAGAIAGAYYG
MDQVPESWQQSCEGYEETDILAQSLHRVFQKS
;
_entity_poly.pdbx_strand_id   A,B
#
# COMPACT_ATOMS: atom_id res chain seq x y z
N MET A 2 -17.59 23.59 -23.21
CA MET A 2 -18.30 24.02 -21.97
C MET A 2 -19.18 22.88 -21.47
N ALA A 3 -19.58 22.98 -20.20
CA ALA A 3 -20.02 21.84 -19.41
C ALA A 3 -21.47 21.45 -19.71
N GLY A 4 -22.24 22.33 -20.35
CA GLY A 4 -23.63 22.04 -20.71
C GLY A 4 -24.59 22.15 -19.52
N ALA A 5 -25.68 21.37 -19.60
CA ALA A 5 -26.79 21.48 -18.68
C ALA A 5 -26.38 20.94 -17.31
N ALA A 6 -27.25 21.18 -16.32
CA ALA A 6 -27.11 20.61 -14.99
C ALA A 6 -26.98 19.10 -15.08
N ARG A 7 -25.98 18.56 -14.37
CA ARG A 7 -25.79 17.12 -14.23
C ARG A 7 -25.53 16.44 -15.58
N SER A 8 -24.87 17.13 -16.51
CA SER A 8 -24.45 16.55 -17.79
C SER A 8 -23.34 15.53 -17.61
N LEU A 9 -23.16 14.67 -18.62
CA LEU A 9 -22.06 13.71 -18.64
C LEU A 9 -20.72 14.41 -18.47
N SER A 10 -20.55 15.56 -19.14
CA SER A 10 -19.32 16.32 -19.06
C SER A 10 -19.04 16.72 -17.61
N ARG A 11 -20.08 17.16 -16.90
CA ARG A 11 -19.92 17.53 -15.50
C ARG A 11 -19.53 16.34 -14.64
N PHE A 12 -20.14 15.16 -14.89
CA PHE A 12 -19.83 13.96 -14.13
C PHE A 12 -18.37 13.58 -14.35
N ARG A 13 -17.93 13.55 -15.60
CA ARG A 13 -16.58 13.17 -15.97
C ARG A 13 -15.59 14.17 -15.38
N GLY A 14 -15.89 15.46 -15.53
CA GLY A 14 -15.02 16.51 -15.05
C GLY A 14 -14.85 16.49 -13.53
N CYS A 15 -15.93 16.16 -12.83
CA CYS A 15 -15.91 16.00 -11.37
C CYS A 15 -14.90 14.94 -10.92
N LEU A 16 -15.00 13.70 -11.42
CA LEU A 16 -14.12 12.65 -10.93
C LEU A 16 -12.69 12.86 -11.44
N ALA A 17 -12.53 13.42 -12.65
CA ALA A 17 -11.21 13.69 -13.16
C ALA A 17 -10.54 14.80 -12.32
N GLY A 18 -11.30 15.84 -11.98
CA GLY A 18 -10.82 16.91 -11.12
C GLY A 18 -10.32 16.39 -9.78
N ALA A 19 -11.08 15.47 -9.19
CA ALA A 19 -10.70 14.88 -7.91
C ALA A 19 -9.40 14.09 -8.07
N LEU A 20 -9.31 13.29 -9.15
CA LEU A 20 -8.13 12.48 -9.42
C LEU A 20 -6.89 13.38 -9.58
N LEU A 21 -7.05 14.44 -10.38
CA LEU A 21 -5.97 15.39 -10.62
C LEU A 21 -5.48 15.97 -9.29
N GLY A 22 -6.44 16.38 -8.45
CA GLY A 22 -6.08 16.96 -7.16
C GLY A 22 -5.24 15.99 -6.33
N ASP A 23 -5.68 14.73 -6.29
CA ASP A 23 -5.03 13.73 -5.47
C ASP A 23 -3.61 13.49 -6.01
N CYS A 24 -3.54 13.20 -7.32
CA CYS A 24 -2.29 12.82 -7.96
C CYS A 24 -1.28 13.97 -7.94
N VAL A 25 -1.69 15.16 -8.38
CA VAL A 25 -0.76 16.28 -8.44
C VAL A 25 -0.50 16.82 -7.03
N GLY A 26 -1.55 16.88 -6.20
CA GLY A 26 -1.41 17.39 -4.85
C GLY A 26 -0.47 16.54 -4.00
N SER A 27 -0.40 15.24 -4.34
CA SER A 27 0.35 14.26 -3.58
C SER A 27 1.85 14.57 -3.60
N PHE A 28 2.32 15.24 -4.65
CA PHE A 28 3.72 15.59 -4.77
C PHE A 28 4.17 16.45 -3.57
N TYR A 29 3.26 17.26 -3.01
CA TYR A 29 3.60 18.23 -1.97
C TYR A 29 3.06 17.87 -0.59
N GLU A 30 2.59 16.64 -0.38
CA GLU A 30 1.91 16.29 0.87
C GLU A 30 2.88 16.46 2.06
N VAL A 35 6.06 24.71 0.32
CA VAL A 35 5.30 24.91 -0.96
C VAL A 35 5.11 26.41 -1.18
N ASP A 36 5.42 26.89 -2.38
CA ASP A 36 5.20 28.27 -2.79
C ASP A 36 4.56 28.26 -4.18
N LEU A 37 3.90 29.36 -4.56
CA LEU A 37 3.19 29.41 -5.83
C LEU A 37 4.17 29.26 -6.99
N THR A 38 5.39 29.82 -6.83
CA THR A 38 6.44 29.74 -7.83
C THR A 38 6.85 28.29 -8.07
N SER A 39 7.04 27.55 -6.97
CA SER A 39 7.45 26.15 -7.02
C SER A 39 6.38 25.27 -7.65
N VAL A 40 5.10 25.54 -7.32
CA VAL A 40 3.98 24.78 -7.87
C VAL A 40 3.95 24.98 -9.38
N LEU A 41 3.99 26.24 -9.82
CA LEU A 41 3.98 26.60 -11.23
C LEU A 41 5.16 25.93 -11.94
N ARG A 42 6.33 25.92 -11.29
CA ARG A 42 7.50 25.24 -11.83
C ARG A 42 7.21 23.75 -12.03
N HIS A 43 6.56 23.08 -11.06
CA HIS A 43 6.37 21.63 -11.04
CA HIS A 43 6.44 21.64 -11.13
C HIS A 43 5.32 21.19 -12.07
N VAL A 44 4.28 22.02 -12.29
CA VAL A 44 3.22 21.59 -13.19
C VAL A 44 3.69 21.63 -14.65
N GLN A 45 4.77 22.39 -14.93
CA GLN A 45 5.34 22.40 -16.27
C GLN A 45 5.77 20.99 -16.67
N SER A 46 6.15 20.17 -15.70
CA SER A 46 6.63 18.82 -15.93
C SER A 46 5.51 17.85 -16.30
N LEU A 47 4.26 18.32 -16.32
CA LEU A 47 3.14 17.49 -16.75
C LEU A 47 2.96 17.57 -18.27
N GLU A 48 3.49 18.63 -18.88
CA GLU A 48 3.24 18.93 -20.29
C GLU A 48 3.96 17.94 -21.18
N PRO A 49 3.45 17.70 -22.42
CA PRO A 49 4.07 16.75 -23.35
C PRO A 49 5.16 17.37 -24.21
N THR A 59 2.89 9.53 -17.73
CA THR A 59 2.00 8.58 -18.41
C THR A 59 1.54 7.53 -17.39
N GLU A 60 0.55 7.92 -16.59
CA GLU A 60 0.19 7.25 -15.35
C GLU A 60 1.42 7.17 -14.44
N ALA A 61 2.23 8.24 -14.47
CA ALA A 61 3.43 8.34 -13.67
C ALA A 61 3.11 8.76 -12.24
N LEU A 62 1.95 9.40 -12.03
CA LEU A 62 1.60 9.91 -10.71
C LEU A 62 0.64 8.95 -10.03
N TYR A 63 1.07 8.34 -8.93
CA TYR A 63 0.20 7.41 -8.23
C TYR A 63 -0.94 8.18 -7.56
N TYR A 64 -2.13 7.57 -7.49
CA TYR A 64 -3.19 8.07 -6.62
C TYR A 64 -2.96 7.57 -5.20
N THR A 65 -3.70 8.16 -4.24
CA THR A 65 -3.58 7.79 -2.84
C THR A 65 -4.92 7.28 -2.32
N ASP A 66 -5.02 7.23 -0.98
CA ASP A 66 -6.20 6.74 -0.28
C ASP A 66 -7.45 7.54 -0.70
N ASP A 67 -7.28 8.83 -0.99
CA ASP A 67 -8.37 9.67 -1.44
C ASP A 67 -9.13 9.03 -2.61
N THR A 68 -8.38 8.64 -3.64
CA THR A 68 -8.94 8.05 -4.85
C THR A 68 -9.36 6.59 -4.60
N ALA A 69 -8.56 5.85 -3.84
CA ALA A 69 -8.83 4.43 -3.62
C ALA A 69 -10.18 4.29 -2.94
N MET A 70 -10.45 5.15 -1.96
CA MET A 70 -11.72 5.10 -1.26
C MET A 70 -12.86 5.63 -2.13
N ALA A 71 -12.61 6.71 -2.89
CA ALA A 71 -13.61 7.23 -3.82
C ALA A 71 -14.03 6.15 -4.82
N ARG A 72 -13.06 5.37 -5.29
CA ARG A 72 -13.36 4.33 -6.26
C ARG A 72 -14.22 3.22 -5.63
N ALA A 73 -13.89 2.81 -4.40
CA ALA A 73 -14.65 1.78 -3.72
C ALA A 73 -16.09 2.26 -3.45
N LEU A 74 -16.21 3.52 -3.00
CA LEU A 74 -17.50 4.12 -2.74
C LEU A 74 -18.35 4.08 -4.01
N VAL A 75 -17.77 4.48 -5.13
CA VAL A 75 -18.52 4.54 -6.38
C VAL A 75 -18.86 3.12 -6.85
N GLN A 76 -17.92 2.17 -6.72
CA GLN A 76 -18.17 0.81 -7.13
C GLN A 76 -19.32 0.19 -6.32
N SER A 77 -19.45 0.54 -5.03
CA SER A 77 -20.54 0.07 -4.20
C SER A 77 -21.88 0.59 -4.72
N LEU A 78 -21.95 1.91 -4.99
CA LEU A 78 -23.15 2.54 -5.50
C LEU A 78 -23.58 1.89 -6.81
N LEU A 79 -22.62 1.60 -7.69
CA LEU A 79 -22.92 1.02 -8.98
C LEU A 79 -23.39 -0.43 -8.81
N ALA A 80 -22.74 -1.17 -7.91
CA ALA A 80 -23.06 -2.57 -7.67
C ALA A 80 -24.51 -2.72 -7.22
N LYS A 81 -24.93 -1.88 -6.27
CA LYS A 81 -26.25 -2.04 -5.68
C LYS A 81 -27.29 -1.08 -6.27
N GLU A 82 -26.86 -0.11 -7.09
CA GLU A 82 -27.71 0.96 -7.61
C GLU A 82 -28.38 1.69 -6.46
N ALA A 83 -27.67 1.76 -5.34
CA ALA A 83 -28.18 2.30 -4.10
C ALA A 83 -27.05 2.30 -3.09
N PHE A 84 -27.32 2.91 -1.93
CA PHE A 84 -26.44 2.86 -0.79
C PHE A 84 -26.78 1.60 0.00
N ASP A 85 -25.76 0.76 0.22
CA ASP A 85 -25.83 -0.42 1.08
C ASP A 85 -24.60 -0.39 1.96
N GLU A 86 -24.80 -0.11 3.27
CA GLU A 86 -23.72 0.13 4.19
C GLU A 86 -22.82 -1.11 4.33
N VAL A 87 -23.41 -2.30 4.23
CA VAL A 87 -22.64 -3.52 4.39
C VAL A 87 -21.72 -3.69 3.19
N ASP A 88 -22.28 -3.50 1.99
CA ASP A 88 -21.51 -3.61 0.77
C ASP A 88 -20.38 -2.57 0.74
N MET A 89 -20.71 -1.33 1.10
CA MET A 89 -19.71 -0.27 1.03
C MET A 89 -18.59 -0.49 2.05
N ALA A 90 -18.94 -0.83 3.29
CA ALA A 90 -17.98 -1.07 4.35
C ALA A 90 -17.00 -2.19 3.93
N HIS A 91 -17.58 -3.25 3.36
CA HIS A 91 -16.78 -4.38 2.89
C HIS A 91 -15.84 -3.96 1.76
N ARG A 92 -16.32 -3.14 0.83
CA ARG A 92 -15.50 -2.71 -0.29
C ARG A 92 -14.33 -1.86 0.20
N PHE A 93 -14.58 -0.95 1.16
CA PHE A 93 -13.51 -0.17 1.77
C PHE A 93 -12.47 -1.08 2.40
N ALA A 94 -12.93 -2.07 3.17
CA ALA A 94 -12.04 -2.96 3.91
C ALA A 94 -11.20 -3.80 2.96
N GLN A 95 -11.85 -4.35 1.92
CA GLN A 95 -11.17 -5.21 0.96
C GLN A 95 -10.21 -4.41 0.08
N GLU A 96 -10.56 -3.16 -0.22
CA GLU A 96 -9.65 -2.32 -0.99
C GLU A 96 -8.37 -2.08 -0.18
N TYR A 97 -8.52 -1.79 1.11
CA TYR A 97 -7.39 -1.64 2.00
C TYR A 97 -6.56 -2.92 2.09
N LYS A 98 -7.22 -4.06 2.22
CA LYS A 98 -6.55 -5.34 2.36
C LYS A 98 -5.66 -5.60 1.15
N LYS A 99 -6.19 -5.28 -0.03
CA LYS A 99 -5.54 -5.53 -1.31
C LYS A 99 -4.39 -4.55 -1.57
N ASP A 100 -4.51 -3.31 -1.08
CA ASP A 100 -3.59 -2.25 -1.45
C ASP A 100 -3.46 -1.29 -0.25
N PRO A 101 -2.84 -1.76 0.86
CA PRO A 101 -2.80 -0.98 2.10
C PRO A 101 -1.90 0.25 2.10
N ASP A 102 -0.97 0.34 1.14
CA ASP A 102 0.07 1.37 1.21
C ASP A 102 -0.33 2.65 0.49
N ARG A 103 -1.62 2.99 0.45
CA ARG A 103 -2.06 4.13 -0.32
C ARG A 103 -1.97 5.43 0.48
N GLY A 104 -1.64 5.34 1.77
CA GLY A 104 -1.45 6.52 2.62
C GLY A 104 -2.68 6.77 3.49
N TYR A 105 -3.30 5.68 3.96
CA TYR A 105 -4.43 5.75 4.86
C TYR A 105 -4.07 6.37 6.20
N GLY A 106 -5.03 7.08 6.80
CA GLY A 106 -4.86 7.63 8.12
C GLY A 106 -4.53 6.54 9.13
N ALA A 107 -3.78 6.94 10.16
CA ALA A 107 -3.33 6.05 11.22
C ALA A 107 -4.53 5.48 11.98
N GLY A 108 -5.60 6.28 12.09
CA GLY A 108 -6.77 5.86 12.83
C GLY A 108 -7.65 4.91 12.04
N VAL A 109 -7.93 5.26 10.77
CA VAL A 109 -8.96 4.59 9.99
C VAL A 109 -8.57 3.14 9.67
N VAL A 110 -7.27 2.80 9.65
CA VAL A 110 -6.90 1.43 9.37
C VAL A 110 -7.45 0.49 10.46
N THR A 111 -7.65 0.98 11.69
CA THR A 111 -8.26 0.18 12.76
C THR A 111 -9.70 -0.19 12.39
N VAL A 112 -10.40 0.78 11.79
CA VAL A 112 -11.75 0.53 11.31
C VAL A 112 -11.72 -0.61 10.27
N PHE A 113 -10.83 -0.53 9.27
CA PHE A 113 -10.82 -1.57 8.24
C PHE A 113 -10.55 -2.95 8.86
N LYS A 114 -9.64 -3.03 9.82
CA LYS A 114 -9.27 -4.29 10.46
C LYS A 114 -10.49 -4.94 11.13
N LYS A 115 -11.32 -4.13 11.80
CA LYS A 115 -12.49 -4.63 12.47
C LYS A 115 -13.54 -5.07 11.45
N LEU A 116 -13.65 -4.36 10.33
CA LEU A 116 -14.63 -4.66 9.31
C LEU A 116 -14.31 -5.97 8.60
N LEU A 117 -13.01 -6.27 8.49
CA LEU A 117 -12.52 -7.47 7.83
C LEU A 117 -12.90 -8.74 8.59
N ASN A 118 -13.19 -8.60 9.89
CA ASN A 118 -13.67 -9.70 10.71
C ASN A 118 -15.06 -10.09 10.23
N PRO A 119 -15.25 -11.31 9.67
CA PRO A 119 -16.56 -11.70 9.16
C PRO A 119 -17.65 -11.78 10.24
N LYS A 120 -17.23 -11.81 11.51
CA LYS A 120 -18.16 -11.79 12.63
C LYS A 120 -18.74 -10.40 12.84
N CYS A 121 -18.11 -9.37 12.28
CA CYS A 121 -18.61 -8.01 12.38
C CYS A 121 -19.88 -7.86 11.54
N ARG A 122 -21.04 -7.76 12.21
CA ARG A 122 -22.31 -7.59 11.51
C ARG A 122 -22.92 -6.21 11.78
N ASP A 123 -22.19 -5.34 12.47
CA ASP A 123 -22.63 -3.98 12.76
C ASP A 123 -21.59 -3.00 12.23
N VAL A 124 -21.72 -2.67 10.94
CA VAL A 124 -20.62 -2.05 10.20
C VAL A 124 -20.38 -0.60 10.61
N PHE A 125 -21.29 0.01 11.39
CA PHE A 125 -21.09 1.39 11.82
C PHE A 125 -20.36 1.46 13.15
N GLU A 126 -20.21 0.33 13.84
CA GLU A 126 -19.73 0.35 15.22
C GLU A 126 -18.23 0.62 15.31
N PRO A 127 -17.37 0.05 14.44
CA PRO A 127 -15.93 0.39 14.49
C PRO A 127 -15.64 1.89 14.48
N ALA A 128 -16.33 2.64 13.60
CA ALA A 128 -16.11 4.07 13.48
C ALA A 128 -16.47 4.79 14.79
N ARG A 129 -17.53 4.33 15.47
CA ARG A 129 -17.99 4.96 16.70
C ARG A 129 -17.00 4.75 17.85
N ALA A 130 -16.20 3.68 17.79
CA ALA A 130 -15.28 3.36 18.87
C ALA A 130 -14.00 4.19 18.77
N GLN A 131 -13.73 4.73 17.57
CA GLN A 131 -12.54 5.52 17.30
C GLN A 131 -12.37 6.64 18.32
N PHE A 132 -11.11 6.88 18.70
CA PHE A 132 -10.67 8.02 19.49
C PHE A 132 -11.48 8.09 20.78
N ASN A 133 -11.48 6.99 21.52
CA ASN A 133 -12.14 6.92 22.81
C ASN A 133 -13.63 7.16 22.65
N GLY A 134 -14.21 6.66 21.56
CA GLY A 134 -15.65 6.68 21.36
C GLY A 134 -16.18 8.04 20.90
N LYS A 135 -15.30 8.97 20.50
CA LYS A 135 -15.73 10.28 20.01
C LYS A 135 -15.82 10.30 18.49
N GLY A 136 -15.09 9.40 17.83
CA GLY A 136 -15.05 9.36 16.37
C GLY A 136 -13.95 10.23 15.77
N SER A 137 -13.57 9.88 14.54
CA SER A 137 -12.64 10.68 13.77
C SER A 137 -13.26 12.00 13.31
N TYR A 138 -12.46 13.07 13.38
CA TYR A 138 -12.81 14.35 12.77
C TYR A 138 -11.93 14.60 11.54
N GLY A 139 -11.24 13.57 11.03
CA GLY A 139 -10.42 13.69 9.83
C GLY A 139 -11.27 13.92 8.59
N ASN A 140 -10.61 14.30 7.49
CA ASN A 140 -11.26 14.69 6.25
C ASN A 140 -11.46 13.50 5.32
N GLY A 141 -11.25 12.28 5.82
CA GLY A 141 -11.34 11.09 4.99
C GLY A 141 -12.77 10.78 4.53
N GLY A 142 -13.77 11.13 5.35
CA GLY A 142 -15.17 11.00 4.93
C GLY A 142 -15.50 11.91 3.75
N ALA A 143 -14.91 13.12 3.74
CA ALA A 143 -15.14 14.13 2.73
C ALA A 143 -14.32 13.88 1.47
N MET A 144 -13.11 13.32 1.63
CA MET A 144 -12.19 13.20 0.50
C MET A 144 -12.75 12.31 -0.61
N ARG A 145 -13.68 11.41 -0.26
CA ARG A 145 -14.13 10.37 -1.16
C ARG A 145 -15.60 10.57 -1.56
N VAL A 146 -16.23 11.67 -1.13
CA VAL A 146 -17.68 11.75 -1.09
C VAL A 146 -18.29 12.19 -2.43
N ALA A 147 -17.48 12.65 -3.40
CA ALA A 147 -18.04 13.32 -4.57
C ALA A 147 -19.04 12.40 -5.29
N GLY A 148 -18.73 11.09 -5.34
CA GLY A 148 -19.59 10.11 -5.98
C GLY A 148 -21.03 10.15 -5.49
N ILE A 149 -21.23 10.50 -4.21
CA ILE A 149 -22.56 10.58 -3.60
C ILE A 149 -23.39 11.59 -4.40
N SER A 150 -22.79 12.73 -4.77
CA SER A 150 -23.53 13.78 -5.43
C SER A 150 -23.76 13.48 -6.92
N LEU A 151 -22.92 12.62 -7.50
CA LEU A 151 -23.18 12.10 -8.84
C LEU A 151 -24.38 11.16 -8.82
N ALA A 152 -24.48 10.30 -7.79
CA ALA A 152 -25.54 9.32 -7.70
C ALA A 152 -26.89 9.97 -7.36
N TYR A 153 -26.89 11.00 -6.50
CA TYR A 153 -28.15 11.54 -6.00
C TYR A 153 -28.29 13.01 -6.41
N SER A 154 -29.43 13.39 -6.97
CA SER A 154 -29.67 14.77 -7.40
C SER A 154 -30.22 15.66 -6.27
N SER A 155 -31.06 15.12 -5.38
CA SER A 155 -31.74 15.97 -4.40
C SER A 155 -30.80 16.31 -3.23
N VAL A 156 -30.97 17.52 -2.68
CA VAL A 156 -30.24 17.96 -1.49
C VAL A 156 -30.50 16.99 -0.37
N GLN A 157 -31.74 16.47 -0.27
CA GLN A 157 -32.11 15.59 0.82
C GLN A 157 -31.30 14.30 0.78
N ASP A 158 -31.21 13.70 -0.41
CA ASP A 158 -30.47 12.45 -0.59
C ASP A 158 -28.97 12.68 -0.43
N VAL A 159 -28.47 13.79 -0.97
CA VAL A 159 -27.05 14.10 -0.85
C VAL A 159 -26.66 14.15 0.63
N GLN A 160 -27.44 14.87 1.44
CA GLN A 160 -27.15 14.98 2.87
C GLN A 160 -27.19 13.60 3.53
N LYS A 161 -28.22 12.81 3.20
CA LYS A 161 -28.46 11.54 3.88
CA LYS A 161 -28.46 11.53 3.86
C LYS A 161 -27.33 10.56 3.59
N PHE A 162 -26.92 10.44 2.32
CA PHE A 162 -25.96 9.42 1.94
C PHE A 162 -24.54 9.93 2.09
N ALA A 163 -24.30 11.25 2.02
CA ALA A 163 -22.99 11.76 2.41
C ALA A 163 -22.75 11.41 3.88
N ARG A 164 -23.76 11.64 4.74
CA ARG A 164 -23.62 11.34 6.16
C ARG A 164 -23.37 9.85 6.38
N LEU A 165 -24.20 8.99 5.76
CA LEU A 165 -24.08 7.55 5.98
C LEU A 165 -22.74 7.03 5.48
N SER A 166 -22.35 7.40 4.25
CA SER A 166 -21.08 6.93 3.72
C SER A 166 -19.92 7.37 4.63
N ALA A 167 -19.99 8.60 5.13
CA ALA A 167 -18.92 9.15 5.95
C ALA A 167 -18.83 8.35 7.25
N GLN A 168 -20.00 8.02 7.82
CA GLN A 168 -20.10 7.44 9.16
C GLN A 168 -19.49 6.03 9.21
N LEU A 169 -19.29 5.41 8.05
CA LEU A 169 -18.59 4.13 8.00
C LEU A 169 -17.17 4.26 8.57
N THR A 170 -16.54 5.44 8.47
CA THR A 170 -15.21 5.64 9.04
C THR A 170 -15.15 6.82 10.01
N HIS A 171 -16.08 7.78 9.90
CA HIS A 171 -15.98 9.07 10.57
C HIS A 171 -17.27 9.34 11.33
N ALA A 172 -17.27 9.05 12.64
CA ALA A 172 -18.49 9.10 13.44
C ALA A 172 -18.64 10.41 14.23
N SER A 173 -17.58 11.22 14.29
CA SER A 173 -17.70 12.57 14.83
C SER A 173 -18.53 13.44 13.88
N SER A 174 -19.42 14.30 14.44
CA SER A 174 -20.15 15.25 13.61
C SER A 174 -19.20 16.16 12.85
N LEU A 175 -18.04 16.49 13.43
CA LEU A 175 -17.08 17.30 12.69
C LEU A 175 -16.64 16.56 11.42
N GLY A 176 -16.45 15.25 11.53
CA GLY A 176 -16.08 14.42 10.41
C GLY A 176 -17.20 14.29 9.38
N TYR A 177 -18.42 13.91 9.81
CA TYR A 177 -19.47 13.58 8.84
C TYR A 177 -20.10 14.87 8.29
N ASN A 178 -20.15 15.94 9.08
CA ASN A 178 -20.67 17.21 8.59
C ASN A 178 -19.72 17.83 7.57
N GLY A 179 -18.40 17.61 7.72
CA GLY A 179 -17.45 18.00 6.68
C GLY A 179 -17.75 17.29 5.36
N ALA A 180 -18.05 16.00 5.44
CA ALA A 180 -18.40 15.20 4.27
C ALA A 180 -19.67 15.72 3.63
N ILE A 181 -20.70 16.05 4.44
CA ILE A 181 -21.93 16.59 3.89
C ILE A 181 -21.66 17.92 3.18
N LEU A 182 -20.87 18.79 3.81
CA LEU A 182 -20.58 20.08 3.22
C LEU A 182 -19.88 19.91 1.87
N GLN A 183 -18.90 19.00 1.80
CA GLN A 183 -18.19 18.75 0.55
C GLN A 183 -19.16 18.21 -0.52
N ALA A 184 -20.04 17.29 -0.11
CA ALA A 184 -20.99 16.69 -1.04
C ALA A 184 -21.96 17.74 -1.55
N LEU A 185 -22.38 18.66 -0.67
CA LEU A 185 -23.27 19.75 -1.03
C LEU A 185 -22.60 20.71 -2.01
N ALA A 186 -21.30 20.98 -1.83
CA ALA A 186 -20.56 21.82 -2.76
C ALA A 186 -20.53 21.17 -4.15
N VAL A 187 -20.31 19.87 -4.19
CA VAL A 187 -20.30 19.18 -5.48
C VAL A 187 -21.69 19.20 -6.11
N HIS A 188 -22.70 18.96 -5.27
CA HIS A 188 -24.10 19.00 -5.66
C HIS A 188 -24.40 20.30 -6.39
N LEU A 189 -24.00 21.42 -5.77
CA LEU A 189 -24.22 22.73 -6.34
C LEU A 189 -23.43 22.93 -7.63
N ALA A 190 -22.15 22.53 -7.62
CA ALA A 190 -21.32 22.73 -8.79
C ALA A 190 -21.90 21.97 -9.99
N LEU A 191 -22.50 20.79 -9.77
CA LEU A 191 -23.07 20.01 -10.86
C LEU A 191 -24.25 20.74 -11.54
N GLN A 192 -24.80 21.75 -10.85
CA GLN A 192 -25.95 22.50 -11.35
C GLN A 192 -25.50 23.57 -12.34
N GLY A 193 -24.20 23.87 -12.40
CA GLY A 193 -23.69 24.83 -13.36
C GLY A 193 -23.79 26.26 -12.86
N GLU A 194 -23.89 27.20 -13.80
CA GLU A 194 -23.44 28.57 -13.59
C GLU A 194 -24.20 29.21 -12.44
N SER A 195 -23.45 29.86 -11.56
CA SER A 195 -23.97 30.44 -10.34
C SER A 195 -23.10 31.62 -9.96
N SER A 196 -23.67 32.61 -9.27
CA SER A 196 -22.84 33.59 -8.59
C SER A 196 -22.16 32.88 -7.43
N SER A 197 -20.98 33.37 -7.05
CA SER A 197 -20.29 32.87 -5.86
C SER A 197 -21.13 33.19 -4.63
N GLU A 198 -21.83 34.33 -4.65
CA GLU A 198 -22.73 34.72 -3.58
C GLU A 198 -23.79 33.63 -3.34
N HIS A 199 -24.48 33.23 -4.41
CA HIS A 199 -25.58 32.30 -4.27
C HIS A 199 -25.05 30.92 -3.86
N PHE A 200 -23.91 30.53 -4.42
CA PHE A 200 -23.29 29.25 -4.11
C PHE A 200 -22.98 29.18 -2.62
N LEU A 201 -22.28 30.22 -2.11
CA LEU A 201 -21.87 30.24 -0.71
C LEU A 201 -23.09 30.30 0.20
N LYS A 202 -24.09 31.12 -0.18
CA LYS A 202 -25.26 31.33 0.64
C LYS A 202 -26.06 30.03 0.80
N GLN A 203 -26.19 29.25 -0.28
CA GLN A 203 -26.85 27.96 -0.23
CA GLN A 203 -26.87 27.98 -0.19
C GLN A 203 -26.13 27.06 0.78
N LEU A 204 -24.80 26.99 0.66
CA LEU A 204 -24.04 26.14 1.58
C LEU A 204 -24.27 26.58 3.03
N LEU A 205 -24.16 27.90 3.29
CA LEU A 205 -24.31 28.41 4.64
C LEU A 205 -25.66 27.99 5.22
N GLY A 206 -26.73 28.19 4.46
CA GLY A 206 -28.08 27.82 4.88
C GLY A 206 -28.18 26.36 5.30
N HIS A 207 -27.60 25.45 4.50
CA HIS A 207 -27.66 24.03 4.80
C HIS A 207 -26.88 23.74 6.08
N MET A 208 -25.70 24.35 6.28
CA MET A 208 -24.88 24.03 7.43
C MET A 208 -25.51 24.62 8.69
N GLU A 209 -26.20 25.77 8.56
CA GLU A 209 -26.87 26.35 9.71
C GLU A 209 -27.99 25.41 10.18
N ASP A 210 -28.71 24.82 9.22
CA ASP A 210 -29.75 23.86 9.52
C ASP A 210 -29.14 22.65 10.26
N LEU A 211 -28.00 22.15 9.78
CA LEU A 211 -27.40 20.94 10.34
C LEU A 211 -26.82 21.22 11.73
N GLU A 212 -26.30 22.43 11.94
CA GLU A 212 -25.57 22.70 13.17
C GLU A 212 -26.52 23.11 14.30
N GLY A 213 -27.83 23.10 14.03
CA GLY A 213 -28.86 23.23 15.06
C GLY A 213 -29.13 21.91 15.81
N ASP A 214 -28.65 20.78 15.27
CA ASP A 214 -28.85 19.47 15.88
C ASP A 214 -28.00 19.35 17.15
N ALA A 215 -28.55 18.65 18.15
CA ALA A 215 -27.97 18.62 19.50
C ALA A 215 -26.65 17.86 19.51
N GLN A 216 -26.52 16.84 18.65
CA GLN A 216 -25.28 16.06 18.53
C GLN A 216 -24.16 16.96 17.98
N SER A 217 -24.49 17.85 17.03
CA SER A 217 -23.52 18.78 16.47
C SER A 217 -23.07 19.81 17.52
N VAL A 218 -24.04 20.34 18.30
CA VAL A 218 -23.76 21.33 19.33
C VAL A 218 -22.90 20.71 20.43
N LEU A 219 -23.16 19.42 20.73
CA LEU A 219 -22.51 18.70 21.81
C LEU A 219 -21.05 18.36 21.43
N ASP A 220 -20.88 17.80 20.22
CA ASP A 220 -19.56 17.43 19.71
C ASP A 220 -18.65 18.66 19.64
N ALA A 221 -19.23 19.79 19.21
CA ALA A 221 -18.49 21.05 19.09
C ALA A 221 -18.05 21.56 20.47
N ARG A 222 -18.98 21.55 21.44
CA ARG A 222 -18.71 22.04 22.79
C ARG A 222 -17.63 21.19 23.45
N GLU A 223 -17.69 19.87 23.26
CA GLU A 223 -16.76 18.94 23.88
C GLU A 223 -15.35 19.13 23.31
N LEU A 224 -15.26 19.51 22.03
CA LEU A 224 -13.99 19.73 21.35
C LEU A 224 -13.50 21.16 21.55
N GLY A 225 -14.31 22.00 22.22
CA GLY A 225 -13.88 23.33 22.64
C GLY A 225 -13.82 24.32 21.48
N MET A 226 -14.79 24.20 20.56
CA MET A 226 -14.83 25.03 19.36
C MET A 226 -16.00 26.01 19.48
N GLU A 227 -16.10 26.92 18.50
CA GLU A 227 -17.23 27.82 18.40
C GLU A 227 -18.47 27.01 18.05
N GLU A 228 -19.67 27.59 18.29
CA GLU A 228 -20.88 26.84 18.56
C GLU A 228 -21.48 26.16 17.32
N ARG A 229 -21.18 26.72 16.14
CA ARG A 229 -21.67 26.22 14.86
C ARG A 229 -20.49 26.29 13.88
N PRO A 230 -19.54 25.34 13.96
CA PRO A 230 -18.22 25.52 13.35
C PRO A 230 -18.17 25.69 11.82
N TYR A 231 -18.90 24.86 11.08
CA TYR A 231 -18.87 24.96 9.63
C TYR A 231 -19.55 26.26 9.19
N SER A 232 -20.64 26.61 9.86
CA SER A 232 -21.35 27.85 9.59
C SER A 232 -20.41 29.04 9.80
N SER A 233 -19.63 29.01 10.89
CA SER A 233 -18.72 30.10 11.22
CA SER A 233 -18.73 30.11 11.20
C SER A 233 -17.64 30.24 10.14
N ARG A 234 -17.17 29.09 9.65
CA ARG A 234 -16.14 29.07 8.61
C ARG A 234 -16.69 29.58 7.28
N LEU A 235 -17.93 29.19 6.93
CA LEU A 235 -18.53 29.67 5.70
C LEU A 235 -18.70 31.20 5.75
N LYS A 236 -19.05 31.73 6.92
CA LYS A 236 -19.19 33.17 7.08
C LYS A 236 -17.82 33.83 6.88
N LYS A 237 -16.77 33.19 7.40
CA LYS A 237 -15.43 33.71 7.23
C LYS A 237 -15.03 33.71 5.75
N ILE A 238 -15.44 32.67 5.02
CA ILE A 238 -15.14 32.61 3.59
C ILE A 238 -15.79 33.82 2.91
N GLY A 239 -17.02 34.16 3.31
CA GLY A 239 -17.71 35.30 2.71
C GLY A 239 -16.93 36.59 2.93
N GLU A 240 -16.40 36.77 4.14
CA GLU A 240 -15.55 37.91 4.48
C GLU A 240 -14.28 37.91 3.63
N LEU A 241 -13.58 36.78 3.57
CA LEU A 241 -12.34 36.69 2.82
C LEU A 241 -12.55 37.02 1.35
N LEU A 242 -13.68 36.59 0.79
CA LEU A 242 -13.95 36.80 -0.63
C LEU A 242 -14.23 38.28 -0.91
N ASP A 243 -14.50 39.06 0.14
CA ASP A 243 -14.74 40.51 0.03
C ASP A 243 -13.53 41.35 0.44
N GLN A 244 -12.42 40.71 0.79
CA GLN A 244 -11.28 41.39 1.36
C GLN A 244 -10.20 41.59 0.30
N ALA A 245 -9.49 42.72 0.39
CA ALA A 245 -8.43 43.02 -0.54
C ALA A 245 -7.20 42.15 -0.22
N SER A 246 -6.52 41.71 -1.28
CA SER A 246 -5.18 41.15 -1.21
C SER A 246 -5.08 40.08 -0.12
N VAL A 247 -5.94 39.07 -0.21
CA VAL A 247 -5.91 37.99 0.76
C VAL A 247 -4.69 37.11 0.49
N THR A 248 -3.84 36.97 1.52
CA THR A 248 -2.58 36.23 1.41
C THR A 248 -2.81 34.79 1.88
N ARG A 249 -1.89 33.91 1.47
CA ARG A 249 -1.88 32.53 1.91
C ARG A 249 -1.90 32.45 3.43
N GLU A 250 -1.11 33.32 4.09
CA GLU A 250 -1.05 33.40 5.53
C GLU A 250 -2.44 33.61 6.11
N GLU A 251 -3.19 34.54 5.50
CA GLU A 251 -4.52 34.87 5.99
C GLU A 251 -5.44 33.66 5.81
N VAL A 252 -5.39 33.05 4.63
CA VAL A 252 -6.27 31.92 4.35
C VAL A 252 -5.98 30.79 5.33
N VAL A 253 -4.71 30.43 5.47
CA VAL A 253 -4.35 29.26 6.26
C VAL A 253 -4.66 29.53 7.72
N SER A 254 -4.40 30.73 8.22
CA SER A 254 -4.63 31.00 9.63
C SER A 254 -6.13 31.04 9.93
N GLU A 255 -6.96 31.48 8.98
CA GLU A 255 -8.37 31.66 9.23
C GLU A 255 -9.17 30.39 8.95
N LEU A 256 -8.74 29.63 7.93
CA LEU A 256 -9.48 28.46 7.44
C LEU A 256 -8.73 27.16 7.69
N GLY A 257 -7.40 27.18 7.61
CA GLY A 257 -6.62 25.98 7.88
C GLY A 257 -6.18 25.28 6.61
N ASN A 258 -5.23 24.37 6.75
CA ASN A 258 -4.80 23.52 5.65
C ASN A 258 -4.49 22.13 6.17
N GLY A 259 -5.29 21.65 7.11
CA GLY A 259 -4.94 20.48 7.90
C GLY A 259 -5.70 19.22 7.52
N ILE A 260 -5.38 18.10 8.20
CA ILE A 260 -6.02 16.80 7.96
C ILE A 260 -7.42 16.75 8.56
N ALA A 261 -7.73 17.62 9.52
CA ALA A 261 -9.08 17.70 10.07
C ALA A 261 -10.04 18.23 9.00
N ALA A 262 -11.25 17.67 8.97
CA ALA A 262 -12.26 18.07 8.01
C ALA A 262 -12.56 19.57 8.13
N PHE A 263 -12.61 20.07 9.37
CA PHE A 263 -12.94 21.45 9.65
C PHE A 263 -11.86 22.40 9.12
N GLU A 264 -10.62 21.90 8.98
CA GLU A 264 -9.49 22.70 8.54
C GLU A 264 -9.11 22.43 7.07
N SER A 265 -10.00 21.75 6.32
CA SER A 265 -9.69 21.43 4.93
C SER A 265 -10.90 21.57 4.00
N VAL A 266 -12.12 21.25 4.46
CA VAL A 266 -13.27 21.29 3.59
C VAL A 266 -13.63 22.74 3.27
N PRO A 267 -13.81 23.65 4.26
CA PRO A 267 -14.01 25.05 3.93
C PRO A 267 -12.89 25.65 3.07
N THR A 268 -11.64 25.25 3.32
CA THR A 268 -10.51 25.73 2.54
C THR A 268 -10.68 25.35 1.06
N ALA A 269 -11.07 24.10 0.79
CA ALA A 269 -11.27 23.63 -0.57
C ALA A 269 -12.36 24.47 -1.25
N ILE A 270 -13.42 24.78 -0.51
CA ILE A 270 -14.54 25.54 -1.06
C ILE A 270 -14.07 26.97 -1.35
N TYR A 271 -13.32 27.57 -0.41
CA TYR A 271 -12.71 28.87 -0.66
C TYR A 271 -11.88 28.89 -1.94
N CYS A 272 -11.03 27.88 -2.14
CA CYS A 272 -10.18 27.83 -3.33
C CYS A 272 -11.03 27.83 -4.60
N PHE A 273 -12.12 27.02 -4.61
CA PHE A 273 -13.00 26.98 -5.76
C PHE A 273 -13.61 28.35 -6.03
N LEU A 274 -14.23 28.96 -5.01
CA LEU A 274 -14.90 30.24 -5.18
C LEU A 274 -13.91 31.32 -5.59
N ARG A 275 -12.78 31.41 -4.90
CA ARG A 275 -11.79 32.44 -5.20
C ARG A 275 -11.32 32.33 -6.66
N CYS A 276 -11.11 31.10 -7.13
CA CYS A 276 -10.53 30.88 -8.45
C CYS A 276 -11.57 30.87 -9.57
N MET A 277 -12.81 31.23 -9.28
CA MET A 277 -13.81 31.40 -10.33
C MET A 277 -13.40 32.53 -11.25
N GLU A 278 -12.63 33.48 -10.72
CA GLU A 278 -12.18 34.62 -11.49
C GLU A 278 -10.69 34.50 -11.80
N PRO A 279 -10.25 35.08 -12.93
CA PRO A 279 -8.84 35.10 -13.30
C PRO A 279 -8.01 35.79 -12.22
N ASP A 280 -6.74 35.43 -12.16
CA ASP A 280 -5.83 35.90 -11.13
C ASP A 280 -4.50 36.19 -11.84
N PRO A 281 -3.99 37.45 -11.83
CA PRO A 281 -2.73 37.74 -12.52
C PRO A 281 -1.48 37.08 -11.92
N GLU A 282 -1.58 36.52 -10.70
CA GLU A 282 -0.49 35.75 -10.12
C GLU A 282 -0.37 34.36 -10.75
N ILE A 283 -1.43 33.88 -11.42
CA ILE A 283 -1.40 32.58 -12.08
C ILE A 283 -1.51 32.83 -13.58
N PRO A 284 -0.51 32.41 -14.39
CA PRO A 284 -0.55 32.70 -15.83
C PRO A 284 -1.92 32.38 -16.44
N SER A 285 -2.35 33.30 -17.30
CA SER A 285 -3.67 33.25 -17.93
C SER A 285 -3.82 32.02 -18.83
N ALA A 286 -2.69 31.41 -19.26
CA ALA A 286 -2.71 30.21 -20.09
C ALA A 286 -3.36 29.02 -19.37
N PHE A 287 -3.35 29.02 -18.03
CA PHE A 287 -4.03 27.99 -17.27
C PHE A 287 -5.53 28.28 -17.26
N ASN A 288 -6.33 27.22 -17.36
CA ASN A 288 -7.78 27.36 -17.34
C ASN A 288 -8.24 27.40 -15.87
N SER A 289 -9.55 27.50 -15.66
CA SER A 289 -10.10 27.74 -14.33
C SER A 289 -9.86 26.53 -13.43
N LEU A 290 -10.03 25.33 -13.99
CA LEU A 290 -9.80 24.12 -13.23
C LEU A 290 -8.32 24.01 -12.83
N GLN A 291 -7.42 24.33 -13.76
CA GLN A 291 -6.00 24.24 -13.49
C GLN A 291 -5.63 25.25 -12.41
N ARG A 292 -6.17 26.48 -12.54
CA ARG A 292 -5.92 27.56 -11.61
C ARG A 292 -6.32 27.14 -10.20
N THR A 293 -7.49 26.51 -10.09
CA THR A 293 -8.01 26.09 -8.79
C THR A 293 -7.06 25.08 -8.16
N LEU A 294 -6.63 24.10 -8.95
CA LEU A 294 -5.74 23.07 -8.43
C LEU A 294 -4.42 23.68 -7.98
N ILE A 295 -3.86 24.57 -8.81
CA ILE A 295 -2.57 25.20 -8.51
C ILE A 295 -2.69 26.01 -7.22
N TYR A 296 -3.71 26.86 -7.15
CA TYR A 296 -3.91 27.70 -5.98
C TYR A 296 -4.03 26.84 -4.73
N SER A 297 -4.85 25.78 -4.77
CA SER A 297 -5.10 25.00 -3.57
C SER A 297 -3.81 24.32 -3.08
N ILE A 298 -2.98 23.83 -4.00
CA ILE A 298 -1.72 23.20 -3.63
C ILE A 298 -0.77 24.24 -3.03
N SER A 299 -0.82 25.48 -3.51
CA SER A 299 0.06 26.54 -3.01
C SER A 299 -0.22 26.87 -1.54
N LEU A 300 -1.36 26.41 -0.99
CA LEU A 300 -1.66 26.66 0.42
C LEU A 300 -0.87 25.76 1.35
N GLY A 301 -0.32 24.65 0.82
CA GLY A 301 0.46 23.72 1.61
C GLY A 301 -0.41 22.88 2.54
N GLY A 302 0.22 22.28 3.56
CA GLY A 302 -0.48 21.40 4.48
C GLY A 302 -0.92 20.12 3.79
N ASP A 303 -2.19 19.75 3.95
CA ASP A 303 -2.73 18.54 3.37
C ASP A 303 -3.10 18.79 1.90
N THR A 304 -2.09 18.98 1.05
CA THR A 304 -2.30 19.45 -0.31
C THR A 304 -3.09 18.40 -1.09
N ASP A 305 -2.86 17.14 -0.72
CA ASP A 305 -3.48 16.01 -1.37
C ASP A 305 -5.01 16.10 -1.27
N THR A 306 -5.52 16.22 -0.05
CA THR A 306 -6.96 16.15 0.15
C THR A 306 -7.61 17.49 -0.17
N ILE A 307 -6.94 18.61 0.12
CA ILE A 307 -7.54 19.88 -0.22
C ILE A 307 -7.68 20.02 -1.74
N ALA A 308 -6.66 19.61 -2.49
CA ALA A 308 -6.69 19.67 -3.94
C ALA A 308 -7.71 18.68 -4.52
N THR A 309 -7.83 17.49 -3.91
CA THR A 309 -8.80 16.50 -4.36
C THR A 309 -10.22 17.07 -4.24
N MET A 310 -10.51 17.72 -3.11
CA MET A 310 -11.85 18.24 -2.87
C MET A 310 -12.14 19.48 -3.71
N ALA A 311 -11.16 20.39 -3.84
CA ALA A 311 -11.33 21.58 -4.67
C ALA A 311 -11.50 21.14 -6.12
N GLY A 312 -10.70 20.15 -6.53
CA GLY A 312 -10.77 19.60 -7.87
C GLY A 312 -12.12 18.97 -8.21
N ALA A 313 -12.74 18.30 -7.24
CA ALA A 313 -14.05 17.69 -7.45
C ALA A 313 -15.09 18.76 -7.74
N ILE A 314 -15.07 19.82 -6.93
CA ILE A 314 -16.02 20.90 -7.09
C ILE A 314 -15.78 21.60 -8.42
N ALA A 315 -14.52 21.94 -8.68
CA ALA A 315 -14.18 22.69 -9.88
C ALA A 315 -14.49 21.85 -11.12
N GLY A 316 -14.19 20.55 -11.06
CA GLY A 316 -14.43 19.66 -12.19
C GLY A 316 -15.90 19.58 -12.56
N ALA A 317 -16.76 19.50 -11.52
CA ALA A 317 -18.20 19.46 -11.68
C ALA A 317 -18.71 20.75 -12.34
N TYR A 318 -18.09 21.87 -11.98
CA TYR A 318 -18.54 23.18 -12.42
C TYR A 318 -18.08 23.50 -13.85
N TYR A 319 -16.81 23.19 -14.15
CA TYR A 319 -16.20 23.59 -15.42
C TYR A 319 -16.36 22.48 -16.47
N GLY A 320 -16.41 21.23 -16.00
CA GLY A 320 -16.64 20.10 -16.90
C GLY A 320 -15.36 19.60 -17.56
N MET A 321 -15.54 18.53 -18.33
CA MET A 321 -14.45 17.72 -18.84
C MET A 321 -13.62 18.49 -19.86
N ASP A 322 -14.23 19.48 -20.54
CA ASP A 322 -13.49 20.29 -21.50
C ASP A 322 -12.35 21.06 -20.83
N GLN A 323 -12.38 21.25 -19.51
CA GLN A 323 -11.27 21.93 -18.86
C GLN A 323 -10.28 20.94 -18.24
N VAL A 324 -10.50 19.64 -18.44
CA VAL A 324 -9.54 18.66 -17.96
C VAL A 324 -8.47 18.50 -19.02
N PRO A 325 -7.21 18.96 -18.76
CA PRO A 325 -6.14 18.91 -19.75
C PRO A 325 -5.69 17.47 -19.92
N GLU A 326 -5.64 16.99 -21.16
CA GLU A 326 -5.21 15.63 -21.44
C GLU A 326 -3.84 15.37 -20.83
N SER A 327 -2.89 16.31 -20.93
CA SER A 327 -1.53 16.04 -20.46
C SER A 327 -1.51 15.84 -18.94
N TRP A 328 -2.34 16.58 -18.21
CA TRP A 328 -2.46 16.39 -16.78
C TRP A 328 -3.17 15.06 -16.51
N GLN A 329 -4.33 14.86 -17.15
CA GLN A 329 -5.15 13.68 -16.90
C GLN A 329 -4.37 12.40 -17.15
N GLN A 330 -3.61 12.35 -18.25
CA GLN A 330 -2.95 11.12 -18.65
C GLN A 330 -1.70 10.86 -17.80
N SER A 331 -1.27 11.84 -17.00
CA SER A 331 -0.23 11.64 -16.01
C SER A 331 -0.72 10.84 -14.80
N CYS A 332 -2.05 10.69 -14.63
CA CYS A 332 -2.63 10.15 -13.42
C CYS A 332 -2.94 8.66 -13.53
N GLU A 333 -2.45 7.88 -12.55
CA GLU A 333 -2.77 6.47 -12.44
C GLU A 333 -4.29 6.26 -12.44
N GLY A 334 -4.76 5.40 -13.33
CA GLY A 334 -6.15 4.99 -13.32
C GLY A 334 -7.12 6.02 -13.91
N TYR A 335 -6.63 6.99 -14.69
CA TYR A 335 -7.49 8.03 -15.21
C TYR A 335 -8.60 7.43 -16.06
N GLU A 336 -8.33 6.34 -16.80
CA GLU A 336 -9.37 5.71 -17.61
C GLU A 336 -10.41 5.02 -16.73
N GLU A 337 -9.98 4.27 -15.71
CA GLU A 337 -10.93 3.67 -14.77
C GLU A 337 -11.79 4.76 -14.14
N THR A 338 -11.19 5.88 -13.72
CA THR A 338 -11.93 6.97 -13.11
C THR A 338 -13.01 7.47 -14.08
N ASP A 339 -12.63 7.70 -15.33
CA ASP A 339 -13.57 8.19 -16.34
C ASP A 339 -14.73 7.21 -16.58
N ILE A 340 -14.43 5.91 -16.69
CA ILE A 340 -15.46 4.89 -16.88
C ILE A 340 -16.46 4.92 -15.73
N LEU A 341 -15.95 5.05 -14.51
CA LEU A 341 -16.82 5.11 -13.34
C LEU A 341 -17.74 6.33 -13.44
N ALA A 342 -17.22 7.49 -13.84
CA ALA A 342 -18.04 8.69 -13.98
C ALA A 342 -19.16 8.46 -15.00
N GLN A 343 -18.79 7.90 -16.15
CA GLN A 343 -19.78 7.64 -17.20
C GLN A 343 -20.82 6.64 -16.69
N SER A 344 -20.37 5.61 -15.95
CA SER A 344 -21.28 4.60 -15.42
C SER A 344 -22.24 5.23 -14.41
N LEU A 345 -21.74 6.10 -13.53
CA LEU A 345 -22.63 6.78 -12.60
C LEU A 345 -23.70 7.55 -13.37
N HIS A 346 -23.28 8.23 -14.45
CA HIS A 346 -24.21 9.02 -15.25
C HIS A 346 -25.26 8.12 -15.92
N ARG A 347 -24.86 6.95 -16.43
CA ARG A 347 -25.78 6.04 -17.09
C ARG A 347 -26.77 5.45 -16.08
N VAL A 348 -26.29 5.05 -14.91
CA VAL A 348 -27.11 4.29 -13.97
C VAL A 348 -28.05 5.20 -13.19
N PHE A 349 -27.56 6.38 -12.76
CA PHE A 349 -28.30 7.23 -11.84
C PHE A 349 -28.83 8.52 -12.49
N GLN A 350 -28.25 8.96 -13.62
CA GLN A 350 -28.70 10.21 -14.23
C GLN A 350 -29.54 9.91 -15.49
N LYS A 351 -29.09 8.95 -16.32
CA LYS A 351 -29.84 8.53 -17.50
C LYS A 351 -30.92 7.52 -17.07
N SER A 352 -31.80 7.16 -18.01
CA SER A 352 -32.94 6.28 -17.74
C SER A 352 -32.81 4.94 -18.49
N MET B 2 34.83 -5.94 13.51
CA MET B 2 33.74 -6.59 14.29
C MET B 2 32.55 -6.88 13.36
N ALA B 3 32.03 -5.81 12.72
CA ALA B 3 30.79 -5.86 11.95
C ALA B 3 30.97 -6.67 10.66
N GLY B 4 32.22 -6.76 10.20
CA GLY B 4 32.55 -7.49 8.99
C GLY B 4 32.67 -8.99 9.23
N ALA B 5 32.89 -9.43 10.48
CA ALA B 5 33.18 -10.84 10.70
C ALA B 5 31.97 -11.69 10.33
N ALA B 6 32.24 -12.96 10.03
CA ALA B 6 31.16 -13.90 9.78
C ALA B 6 30.22 -13.94 10.98
N ARG B 7 28.91 -13.95 10.69
CA ARG B 7 27.86 -14.13 11.69
C ARG B 7 27.89 -13.02 12.75
N SER B 8 28.36 -11.83 12.36
CA SER B 8 28.35 -10.66 13.22
C SER B 8 26.93 -10.19 13.51
N LEU B 9 26.80 -9.35 14.54
CA LEU B 9 25.51 -8.78 14.88
C LEU B 9 24.97 -7.94 13.72
N SER B 10 25.86 -7.20 13.04
CA SER B 10 25.48 -6.38 11.93
C SER B 10 24.87 -7.22 10.80
N ARG B 11 25.44 -8.40 10.56
CA ARG B 11 24.93 -9.29 9.52
C ARG B 11 23.56 -9.85 9.91
N PHE B 12 23.39 -10.18 11.19
CA PHE B 12 22.12 -10.70 11.68
C PHE B 12 21.05 -9.62 11.50
N ARG B 13 21.38 -8.39 11.92
CA ARG B 13 20.45 -7.28 11.80
C ARG B 13 20.15 -6.98 10.33
N GLY B 14 21.21 -6.97 9.52
CA GLY B 14 21.06 -6.70 8.11
C GLY B 14 20.17 -7.72 7.40
N CYS B 15 20.31 -8.98 7.79
CA CYS B 15 19.55 -10.06 7.19
C CYS B 15 18.04 -9.86 7.40
N LEU B 16 17.61 -9.73 8.65
CA LEU B 16 16.18 -9.56 8.92
C LEU B 16 15.65 -8.23 8.38
N ALA B 17 16.45 -7.15 8.39
CA ALA B 17 16.02 -5.89 7.80
C ALA B 17 15.88 -6.03 6.29
N GLY B 18 16.83 -6.72 5.66
CA GLY B 18 16.79 -6.99 4.24
C GLY B 18 15.51 -7.72 3.82
N ALA B 19 15.15 -8.75 4.58
CA ALA B 19 13.94 -9.52 4.33
C ALA B 19 12.70 -8.64 4.49
N LEU B 20 12.70 -7.79 5.52
CA LEU B 20 11.58 -6.89 5.77
C LEU B 20 11.43 -5.89 4.64
N LEU B 21 12.56 -5.28 4.23
CA LEU B 21 12.59 -4.34 3.12
C LEU B 21 12.01 -4.99 1.87
N GLY B 22 12.46 -6.22 1.57
CA GLY B 22 11.99 -6.92 0.41
C GLY B 22 10.46 -7.13 0.43
N ASP B 23 9.94 -7.56 1.59
CA ASP B 23 8.52 -7.80 1.76
C ASP B 23 7.75 -6.49 1.64
N CYS B 24 8.18 -5.46 2.37
CA CYS B 24 7.45 -4.20 2.41
C CYS B 24 7.54 -3.46 1.07
N VAL B 25 8.76 -3.28 0.55
CA VAL B 25 8.93 -2.55 -0.69
C VAL B 25 8.43 -3.40 -1.86
N GLY B 26 8.73 -4.70 -1.85
CA GLY B 26 8.24 -5.57 -2.92
C GLY B 26 6.71 -5.58 -2.99
N SER B 27 6.05 -5.63 -1.84
CA SER B 27 4.60 -5.68 -1.79
C SER B 27 4.00 -4.38 -2.34
N PHE B 28 4.63 -3.25 -2.02
CA PHE B 28 4.22 -1.95 -2.54
C PHE B 28 4.17 -1.98 -4.07
N TYR B 29 5.28 -2.41 -4.69
CA TYR B 29 5.39 -2.38 -6.14
C TYR B 29 4.46 -3.39 -6.80
N GLU B 30 4.32 -4.59 -6.21
CA GLU B 30 3.43 -5.60 -6.75
C GLU B 30 1.98 -5.08 -6.77
N ALA B 31 1.58 -4.35 -5.72
CA ALA B 31 0.20 -3.90 -5.60
C ALA B 31 -0.05 -2.74 -6.58
N HIS B 32 1.01 -1.98 -6.88
CA HIS B 32 0.92 -0.86 -7.81
C HIS B 32 1.10 -1.33 -9.26
N ASP B 33 1.35 -2.61 -9.46
CA ASP B 33 1.75 -3.17 -10.75
C ASP B 33 2.80 -2.30 -11.44
N THR B 34 3.84 -1.91 -10.70
CA THR B 34 4.96 -1.16 -11.24
C THR B 34 6.14 -2.12 -11.39
N VAL B 35 6.54 -2.39 -12.65
CA VAL B 35 7.48 -3.45 -12.98
C VAL B 35 8.64 -2.87 -13.81
N ASP B 36 8.31 -2.07 -14.82
CA ASP B 36 9.30 -1.43 -15.67
C ASP B 36 10.37 -0.77 -14.82
N LEU B 37 11.64 -1.14 -15.06
CA LEU B 37 12.75 -0.63 -14.27
C LEU B 37 12.68 0.90 -14.18
N THR B 38 12.39 1.55 -15.31
CA THR B 38 12.38 3.00 -15.37
C THR B 38 11.36 3.54 -14.36
N SER B 39 10.20 2.88 -14.31
CA SER B 39 9.12 3.34 -13.45
C SER B 39 9.46 3.06 -11.99
N VAL B 40 10.10 1.91 -11.71
CA VAL B 40 10.55 1.60 -10.36
C VAL B 40 11.52 2.69 -9.90
N LEU B 41 12.50 3.04 -10.76
CA LEU B 41 13.53 4.00 -10.37
C LEU B 41 12.90 5.37 -10.12
N ARG B 42 11.92 5.73 -10.96
CA ARG B 42 11.20 6.98 -10.81
C ARG B 42 10.52 7.03 -9.44
N HIS B 43 9.83 5.95 -9.05
CA HIS B 43 9.04 5.96 -7.84
C HIS B 43 9.87 5.81 -6.56
N VAL B 44 11.02 5.11 -6.60
CA VAL B 44 11.75 4.80 -5.38
C VAL B 44 12.33 6.07 -4.75
N GLN B 45 12.37 7.19 -5.50
CA GLN B 45 12.81 8.47 -4.95
C GLN B 45 12.01 8.83 -3.70
N SER B 46 10.75 8.38 -3.62
CA SER B 46 9.88 8.69 -2.49
C SER B 46 10.37 8.06 -1.19
N LEU B 47 11.28 7.06 -1.28
CA LEU B 47 11.81 6.40 -0.09
C LEU B 47 12.96 7.20 0.53
N GLU B 48 13.46 8.22 -0.18
CA GLU B 48 14.65 8.94 0.25
C GLU B 48 14.23 9.98 1.29
N PRO B 49 15.16 10.49 2.14
CA PRO B 49 14.78 11.34 3.27
C PRO B 49 14.01 12.60 2.84
N THR B 59 6.86 6.20 6.98
CA THR B 59 7.15 6.19 8.43
C THR B 59 6.35 5.04 9.05
N GLU B 60 6.79 3.82 8.75
CA GLU B 60 5.95 2.63 8.79
C GLU B 60 4.74 2.86 7.91
N ALA B 61 5.00 3.46 6.74
CA ALA B 61 4.01 3.64 5.70
C ALA B 61 3.79 2.33 4.94
N LEU B 62 4.79 1.44 4.96
CA LEU B 62 4.75 0.23 4.16
C LEU B 62 4.45 -0.98 5.05
N TYR B 63 3.27 -1.58 4.83
CA TYR B 63 2.80 -2.72 5.62
C TYR B 63 3.51 -4.00 5.17
N TYR B 64 3.79 -4.90 6.12
CA TYR B 64 4.37 -6.19 5.78
C TYR B 64 3.24 -7.17 5.46
N THR B 65 3.62 -8.34 4.93
CA THR B 65 2.64 -9.33 4.52
C THR B 65 2.87 -10.62 5.30
N ASP B 66 2.23 -11.69 4.82
CA ASP B 66 2.36 -13.01 5.41
C ASP B 66 3.85 -13.42 5.50
N ASP B 67 4.68 -12.92 4.56
CA ASP B 67 6.09 -13.28 4.54
C ASP B 67 6.75 -12.93 5.88
N THR B 68 6.53 -11.68 6.33
CA THR B 68 7.10 -11.18 7.57
C THR B 68 6.34 -11.74 8.78
N ALA B 69 5.01 -11.86 8.69
CA ALA B 69 4.23 -12.37 9.82
C ALA B 69 4.71 -13.77 10.21
N MET B 70 4.92 -14.63 9.22
CA MET B 70 5.37 -15.99 9.47
C MET B 70 6.85 -16.02 9.88
N ALA B 71 7.69 -15.17 9.30
CA ALA B 71 9.09 -15.08 9.71
C ALA B 71 9.20 -14.71 11.19
N ARG B 72 8.38 -13.75 11.62
CA ARG B 72 8.37 -13.29 13.01
C ARG B 72 7.95 -14.41 13.95
N ALA B 73 6.89 -15.15 13.61
CA ALA B 73 6.44 -16.31 14.37
C ALA B 73 7.53 -17.39 14.47
N LEU B 74 8.21 -17.66 13.35
CA LEU B 74 9.28 -18.66 13.32
C LEU B 74 10.38 -18.27 14.32
N VAL B 75 10.80 -17.01 14.26
CA VAL B 75 11.89 -16.54 15.09
C VAL B 75 11.45 -16.48 16.56
N GLN B 76 10.22 -16.05 16.81
CA GLN B 76 9.69 -15.99 18.16
C GLN B 76 9.64 -17.38 18.79
N SER B 77 9.33 -18.41 17.99
CA SER B 77 9.36 -19.79 18.46
C SER B 77 10.77 -20.22 18.87
N LEU B 78 11.77 -19.95 18.00
CA LEU B 78 13.15 -20.32 18.29
C LEU B 78 13.60 -19.63 19.58
N LEU B 79 13.24 -18.36 19.74
CA LEU B 79 13.69 -17.59 20.88
C LEU B 79 13.02 -18.10 22.16
N ALA B 80 11.73 -18.43 22.08
CA ALA B 80 10.96 -18.86 23.25
C ALA B 80 11.55 -20.15 23.83
N LYS B 81 11.91 -21.08 22.96
CA LYS B 81 12.42 -22.38 23.37
C LYS B 81 13.96 -22.46 23.32
N GLU B 82 14.63 -21.46 22.74
CA GLU B 82 16.07 -21.52 22.52
C GLU B 82 16.46 -22.79 21.77
N ALA B 83 15.56 -23.20 20.87
CA ALA B 83 15.64 -24.47 20.18
C ALA B 83 14.45 -24.58 19.25
N PHE B 84 14.49 -25.57 18.36
CA PHE B 84 13.38 -25.90 17.49
C PHE B 84 12.38 -26.80 18.23
N ASP B 85 11.11 -26.40 18.20
CA ASP B 85 10.02 -27.19 18.78
C ASP B 85 8.83 -27.09 17.83
N GLU B 86 8.54 -28.19 17.12
CA GLU B 86 7.58 -28.18 16.03
C GLU B 86 6.18 -27.84 16.53
N VAL B 87 5.83 -28.29 17.75
CA VAL B 87 4.51 -28.07 18.31
C VAL B 87 4.36 -26.58 18.61
N ASP B 88 5.36 -25.98 19.25
CA ASP B 88 5.33 -24.57 19.58
C ASP B 88 5.29 -23.72 18.31
N MET B 89 6.10 -24.06 17.30
CA MET B 89 6.19 -23.24 16.11
C MET B 89 4.88 -23.32 15.31
N ALA B 90 4.32 -24.54 15.22
CA ALA B 90 3.08 -24.78 14.49
C ALA B 90 1.97 -23.94 15.12
N HIS B 91 1.88 -23.95 16.45
CA HIS B 91 0.84 -23.22 17.14
C HIS B 91 1.04 -21.71 16.95
N ARG B 92 2.30 -21.26 16.96
CA ARG B 92 2.58 -19.85 16.73
C ARG B 92 2.15 -19.42 15.34
N PHE B 93 2.36 -20.28 14.33
CA PHE B 93 1.93 -19.97 12.98
C PHE B 93 0.42 -19.88 12.93
N ALA B 94 -0.24 -20.85 13.57
CA ALA B 94 -1.69 -20.93 13.56
C ALA B 94 -2.31 -19.74 14.29
N GLN B 95 -1.72 -19.38 15.45
CA GLN B 95 -2.24 -18.27 16.24
C GLN B 95 -2.00 -16.93 15.52
N GLU B 96 -0.88 -16.80 14.82
CA GLU B 96 -0.59 -15.56 14.10
C GLU B 96 -1.59 -15.38 12.97
N TYR B 97 -1.87 -16.48 12.26
CA TYR B 97 -2.90 -16.46 11.23
C TYR B 97 -4.22 -16.01 11.84
N LYS B 98 -4.61 -16.64 12.96
CA LYS B 98 -5.90 -16.38 13.57
C LYS B 98 -6.02 -14.90 13.97
N LYS B 99 -4.94 -14.32 14.50
CA LYS B 99 -4.97 -12.95 14.96
C LYS B 99 -5.02 -11.98 13.78
N ASP B 100 -4.37 -12.32 12.65
CA ASP B 100 -4.39 -11.45 11.49
C ASP B 100 -4.42 -12.27 10.19
N PRO B 101 -5.61 -12.79 9.82
CA PRO B 101 -5.72 -13.64 8.63
C PRO B 101 -5.67 -12.93 7.28
N ASP B 102 -5.53 -11.60 7.29
CA ASP B 102 -5.69 -10.82 6.06
C ASP B 102 -4.36 -10.25 5.55
N ARG B 103 -3.23 -10.84 5.96
CA ARG B 103 -1.91 -10.36 5.59
C ARG B 103 -1.48 -10.84 4.20
N GLY B 104 -2.29 -11.68 3.55
CA GLY B 104 -2.04 -12.10 2.18
C GLY B 104 -1.51 -13.53 2.10
N TYR B 105 -2.02 -14.41 2.96
CA TYR B 105 -1.62 -15.81 2.97
C TYR B 105 -2.02 -16.51 1.67
N GLY B 106 -1.28 -17.55 1.30
CA GLY B 106 -1.72 -18.39 0.21
C GLY B 106 -3.10 -19.00 0.48
N ALA B 107 -3.82 -19.30 -0.60
CA ALA B 107 -5.19 -19.78 -0.51
C ALA B 107 -5.24 -21.20 0.06
N GLY B 108 -4.18 -21.99 -0.20
CA GLY B 108 -4.12 -23.35 0.28
C GLY B 108 -3.74 -23.46 1.75
N VAL B 109 -2.72 -22.70 2.15
CA VAL B 109 -2.09 -22.91 3.44
C VAL B 109 -3.05 -22.58 4.58
N VAL B 110 -4.09 -21.79 4.33
CA VAL B 110 -5.06 -21.49 5.36
C VAL B 110 -5.72 -22.76 5.89
N THR B 111 -5.87 -23.82 5.08
CA THR B 111 -6.38 -25.10 5.53
C THR B 111 -5.47 -25.69 6.61
N VAL B 112 -4.15 -25.54 6.43
CA VAL B 112 -3.21 -26.03 7.44
C VAL B 112 -3.44 -25.32 8.76
N PHE B 113 -3.55 -23.98 8.71
CA PHE B 113 -3.70 -23.21 9.94
C PHE B 113 -5.00 -23.57 10.64
N LYS B 114 -6.08 -23.79 9.88
CA LYS B 114 -7.37 -24.16 10.46
C LYS B 114 -7.27 -25.52 11.16
N LYS B 115 -6.57 -26.47 10.54
CA LYS B 115 -6.44 -27.80 11.11
C LYS B 115 -5.62 -27.75 12.40
N LEU B 116 -4.59 -26.90 12.42
CA LEU B 116 -3.67 -26.79 13.55
C LEU B 116 -4.34 -26.11 14.74
N LEU B 117 -5.39 -25.32 14.47
CA LEU B 117 -6.13 -24.61 15.51
C LEU B 117 -7.10 -25.54 16.23
N ASN B 118 -7.33 -26.74 15.71
CA ASN B 118 -8.14 -27.73 16.40
C ASN B 118 -7.33 -28.27 17.58
N PRO B 119 -7.80 -28.16 18.84
CA PRO B 119 -7.03 -28.68 19.98
C PRO B 119 -6.81 -30.19 19.92
N LYS B 120 -7.67 -30.89 19.17
CA LYS B 120 -7.57 -32.33 18.96
C LYS B 120 -6.44 -32.70 18.00
N CYS B 121 -5.80 -31.71 17.35
CA CYS B 121 -4.69 -32.00 16.46
C CYS B 121 -3.42 -32.25 17.27
N ARG B 122 -2.94 -33.49 17.29
CA ARG B 122 -1.72 -33.81 18.02
C ARG B 122 -0.54 -34.09 17.09
N ASP B 123 -0.77 -34.25 15.78
CA ASP B 123 0.32 -34.46 14.83
C ASP B 123 0.48 -33.24 13.94
N VAL B 124 1.41 -32.35 14.30
CA VAL B 124 1.44 -31.02 13.71
C VAL B 124 1.99 -31.04 12.29
N PHE B 125 2.57 -32.17 11.83
CA PHE B 125 3.06 -32.28 10.47
C PHE B 125 2.01 -32.85 9.50
N GLU B 126 0.91 -33.39 10.03
CA GLU B 126 -0.04 -34.12 9.19
C GLU B 126 -0.83 -33.18 8.28
N PRO B 127 -1.33 -32.01 8.76
CA PRO B 127 -2.09 -31.11 7.90
C PRO B 127 -1.34 -30.74 6.61
N ALA B 128 -0.04 -30.43 6.70
CA ALA B 128 0.74 -30.09 5.52
C ALA B 128 0.84 -31.27 4.56
N ARG B 129 0.95 -32.50 5.09
CA ARG B 129 1.10 -33.69 4.27
C ARG B 129 -0.18 -34.01 3.49
N ALA B 130 -1.33 -33.58 4.03
CA ALA B 130 -2.62 -33.85 3.39
C ALA B 130 -2.91 -32.83 2.28
N GLN B 131 -2.19 -31.70 2.24
CA GLN B 131 -2.45 -30.68 1.25
C GLN B 131 -2.37 -31.24 -0.18
N PHE B 132 -3.26 -30.76 -1.06
CA PHE B 132 -3.22 -31.04 -2.49
C PHE B 132 -3.21 -32.54 -2.75
N ASN B 133 -4.26 -33.21 -2.25
CA ASN B 133 -4.48 -34.62 -2.50
C ASN B 133 -3.31 -35.45 -1.95
N GLY B 134 -2.68 -34.95 -0.89
CA GLY B 134 -1.64 -35.70 -0.22
C GLY B 134 -0.25 -35.52 -0.82
N LYS B 135 -0.08 -34.56 -1.74
CA LYS B 135 1.22 -34.33 -2.38
C LYS B 135 1.99 -33.22 -1.67
N GLY B 136 1.30 -32.38 -0.90
CA GLY B 136 1.92 -31.24 -0.25
C GLY B 136 2.01 -30.02 -1.18
N SER B 137 2.16 -28.83 -0.56
CA SER B 137 2.31 -27.59 -1.28
C SER B 137 3.71 -27.49 -1.88
N TYR B 138 3.79 -26.91 -3.08
CA TYR B 138 5.07 -26.59 -3.69
C TYR B 138 5.25 -25.07 -3.72
N GLY B 139 4.42 -24.36 -2.94
CA GLY B 139 4.53 -22.91 -2.80
C GLY B 139 5.85 -22.49 -2.14
N ASN B 140 6.13 -21.19 -2.20
CA ASN B 140 7.38 -20.63 -1.69
C ASN B 140 7.24 -20.19 -0.23
N GLY B 141 6.09 -20.47 0.41
CA GLY B 141 5.83 -20.10 1.80
C GLY B 141 6.83 -20.67 2.82
N GLY B 142 7.34 -21.89 2.57
CA GLY B 142 8.33 -22.48 3.44
C GLY B 142 9.64 -21.69 3.43
N ALA B 143 10.01 -21.24 2.23
CA ALA B 143 11.25 -20.52 2.01
C ALA B 143 11.13 -19.05 2.40
N MET B 144 9.93 -18.45 2.29
CA MET B 144 9.81 -17.00 2.44
C MET B 144 10.16 -16.54 3.86
N ARG B 145 10.01 -17.44 4.84
CA ARG B 145 10.13 -17.13 6.25
C ARG B 145 11.36 -17.75 6.90
N VAL B 146 12.23 -18.40 6.12
CA VAL B 146 13.17 -19.36 6.68
C VAL B 146 14.46 -18.69 7.15
N ALA B 147 14.69 -17.40 6.83
CA ALA B 147 16.00 -16.79 7.06
C ALA B 147 16.45 -16.94 8.52
N GLY B 148 15.52 -16.80 9.47
CA GLY B 148 15.85 -16.92 10.89
C GLY B 148 16.50 -18.26 11.27
N ILE B 149 16.18 -19.33 10.54
CA ILE B 149 16.83 -20.62 10.78
C ILE B 149 18.34 -20.46 10.68
N SER B 150 18.82 -19.73 9.65
CA SER B 150 20.25 -19.63 9.40
C SER B 150 20.92 -18.69 10.41
N LEU B 151 20.12 -17.86 11.08
CA LEU B 151 20.64 -17.06 12.18
C LEU B 151 20.80 -17.89 13.45
N ALA B 152 19.84 -18.80 13.71
CA ALA B 152 19.87 -19.62 14.92
C ALA B 152 20.91 -20.76 14.83
N TYR B 153 21.14 -21.29 13.62
CA TYR B 153 22.02 -22.45 13.44
C TYR B 153 23.17 -22.13 12.50
N SER B 154 24.39 -22.50 12.92
CA SER B 154 25.61 -22.16 12.21
C SER B 154 26.04 -23.23 11.20
N SER B 155 25.81 -24.52 11.50
CA SER B 155 26.32 -25.60 10.65
C SER B 155 25.35 -25.91 9.51
N VAL B 156 25.92 -26.38 8.39
CA VAL B 156 25.14 -26.82 7.24
C VAL B 156 24.16 -27.91 7.68
N GLN B 157 24.63 -28.88 8.48
CA GLN B 157 23.79 -29.99 8.90
C GLN B 157 22.54 -29.44 9.58
N ASP B 158 22.73 -28.49 10.50
CA ASP B 158 21.61 -27.97 11.27
C ASP B 158 20.70 -27.08 10.42
N VAL B 159 21.28 -26.24 9.56
CA VAL B 159 20.48 -25.37 8.70
C VAL B 159 19.56 -26.24 7.85
N GLN B 160 20.12 -27.27 7.21
CA GLN B 160 19.34 -28.17 6.37
C GLN B 160 18.23 -28.83 7.18
N LYS B 161 18.59 -29.33 8.37
CA LYS B 161 17.65 -30.08 9.19
CA LYS B 161 17.67 -30.08 9.22
C LYS B 161 16.47 -29.21 9.60
N PHE B 162 16.74 -27.99 10.09
CA PHE B 162 15.69 -27.18 10.66
C PHE B 162 15.01 -26.31 9.60
N ALA B 163 15.68 -26.03 8.48
CA ALA B 163 14.99 -25.42 7.35
C ALA B 163 13.92 -26.38 6.85
N ARG B 164 14.30 -27.66 6.76
CA ARG B 164 13.37 -28.69 6.31
C ARG B 164 12.20 -28.83 7.28
N LEU B 165 12.50 -28.99 8.58
CA LEU B 165 11.45 -29.23 9.57
C LEU B 165 10.50 -28.03 9.64
N SER B 166 11.05 -26.80 9.68
CA SER B 166 10.21 -25.61 9.77
C SER B 166 9.32 -25.49 8.53
N ALA B 167 9.87 -25.78 7.35
CA ALA B 167 9.09 -25.69 6.11
C ALA B 167 7.98 -26.73 6.09
N GLN B 168 8.27 -27.95 6.59
CA GLN B 168 7.32 -29.05 6.53
C GLN B 168 6.05 -28.81 7.35
N LEU B 169 6.06 -27.82 8.24
CA LEU B 169 4.85 -27.50 8.97
C LEU B 169 3.75 -26.99 8.03
N THR B 170 4.12 -26.45 6.86
CA THR B 170 3.14 -26.02 5.87
C THR B 170 3.37 -26.60 4.48
N HIS B 171 4.63 -26.99 4.16
CA HIS B 171 5.06 -27.31 2.80
C HIS B 171 5.75 -28.68 2.79
N ALA B 172 4.97 -29.72 2.46
CA ALA B 172 5.38 -31.10 2.64
C ALA B 172 5.90 -31.70 1.34
N SER B 173 5.78 -31.00 0.20
CA SER B 173 6.38 -31.47 -1.03
C SER B 173 7.88 -31.21 -1.02
N SER B 174 8.63 -32.10 -1.66
CA SER B 174 10.08 -31.94 -1.72
C SER B 174 10.43 -30.64 -2.43
N LEU B 175 9.65 -30.21 -3.42
CA LEU B 175 9.92 -28.93 -4.06
C LEU B 175 9.76 -27.78 -3.06
N GLY B 176 8.73 -27.86 -2.20
CA GLY B 176 8.51 -26.83 -1.20
C GLY B 176 9.61 -26.79 -0.14
N TYR B 177 9.94 -27.94 0.45
CA TYR B 177 10.86 -27.94 1.57
C TYR B 177 12.30 -27.87 1.06
N ASN B 178 12.60 -28.43 -0.12
CA ASN B 178 13.95 -28.29 -0.65
C ASN B 178 14.20 -26.84 -1.07
N GLY B 179 13.15 -26.14 -1.53
CA GLY B 179 13.27 -24.72 -1.83
C GLY B 179 13.61 -23.91 -0.58
N ALA B 180 13.02 -24.29 0.54
CA ALA B 180 13.27 -23.67 1.83
C ALA B 180 14.72 -23.93 2.28
N ILE B 181 15.21 -25.16 2.10
CA ILE B 181 16.59 -25.48 2.43
C ILE B 181 17.56 -24.63 1.60
N LEU B 182 17.31 -24.55 0.29
CA LEU B 182 18.16 -23.79 -0.61
C LEU B 182 18.24 -22.33 -0.17
N GLN B 183 17.10 -21.73 0.17
CA GLN B 183 17.05 -20.36 0.64
C GLN B 183 17.86 -20.21 1.92
N ALA B 184 17.68 -21.16 2.85
CA ALA B 184 18.34 -21.12 4.14
C ALA B 184 19.85 -21.24 3.98
N LEU B 185 20.27 -22.12 3.05
CA LEU B 185 21.70 -22.29 2.74
C LEU B 185 22.29 -21.02 2.14
N ALA B 186 21.52 -20.30 1.30
CA ALA B 186 21.99 -19.05 0.74
C ALA B 186 22.22 -18.02 1.85
N VAL B 187 21.27 -17.92 2.80
CA VAL B 187 21.45 -17.01 3.92
C VAL B 187 22.66 -17.45 4.75
N HIS B 188 22.80 -18.76 4.99
CA HIS B 188 23.94 -19.32 5.70
C HIS B 188 25.27 -18.82 5.12
N LEU B 189 25.40 -18.94 3.79
CA LEU B 189 26.61 -18.53 3.09
C LEU B 189 26.81 -17.03 3.18
N ALA B 190 25.74 -16.28 2.94
CA ALA B 190 25.80 -14.83 2.97
C ALA B 190 26.33 -14.33 4.32
N LEU B 191 25.95 -15.01 5.41
CA LEU B 191 26.36 -14.64 6.76
C LEU B 191 27.88 -14.82 6.95
N GLN B 192 28.53 -15.59 6.06
CA GLN B 192 29.96 -15.79 6.15
C GLN B 192 30.74 -14.63 5.50
N GLY B 193 30.06 -13.73 4.80
CA GLY B 193 30.69 -12.53 4.25
C GLY B 193 31.41 -12.80 2.93
N GLU B 194 32.41 -11.93 2.65
CA GLU B 194 33.00 -11.71 1.34
C GLU B 194 33.22 -13.02 0.55
N SER B 195 32.69 -13.06 -0.68
CA SER B 195 32.79 -14.22 -1.55
C SER B 195 32.73 -13.78 -3.01
N SER B 196 33.34 -14.57 -3.91
CA SER B 196 33.01 -14.46 -5.31
C SER B 196 31.60 -15.02 -5.53
N SER B 197 30.95 -14.56 -6.59
CA SER B 197 29.66 -15.12 -6.97
C SER B 197 29.84 -16.59 -7.37
N GLU B 198 30.96 -16.90 -8.02
CA GLU B 198 31.28 -18.25 -8.46
C GLU B 198 31.34 -19.21 -7.29
N HIS B 199 32.06 -18.83 -6.23
CA HIS B 199 32.25 -19.68 -5.07
C HIS B 199 30.92 -19.87 -4.34
N PHE B 200 30.16 -18.79 -4.20
CA PHE B 200 28.88 -18.84 -3.51
C PHE B 200 27.96 -19.83 -4.24
N LEU B 201 27.88 -19.71 -5.56
CA LEU B 201 27.03 -20.59 -6.36
C LEU B 201 27.53 -22.03 -6.26
N LYS B 202 28.84 -22.22 -6.36
CA LYS B 202 29.43 -23.56 -6.30
C LYS B 202 29.03 -24.26 -5.00
N GLN B 203 29.11 -23.54 -3.87
CA GLN B 203 28.77 -24.12 -2.57
C GLN B 203 27.30 -24.55 -2.54
N LEU B 204 26.41 -23.70 -3.07
CA LEU B 204 24.99 -24.02 -3.07
C LEU B 204 24.73 -25.24 -3.92
N LEU B 205 25.37 -25.28 -5.09
CA LEU B 205 25.21 -26.37 -6.04
C LEU B 205 25.64 -27.69 -5.40
N GLY B 206 26.82 -27.67 -4.77
CA GLY B 206 27.36 -28.83 -4.06
C GLY B 206 26.37 -29.37 -3.03
N HIS B 207 25.79 -28.47 -2.21
CA HIS B 207 24.83 -28.88 -1.19
C HIS B 207 23.56 -29.44 -1.80
N MET B 208 23.04 -28.81 -2.87
CA MET B 208 21.80 -29.29 -3.46
C MET B 208 22.01 -30.64 -4.16
N GLU B 209 23.20 -30.81 -4.79
CA GLU B 209 23.55 -32.08 -5.42
C GLU B 209 23.57 -33.21 -4.39
N ASP B 210 24.11 -32.92 -3.20
CA ASP B 210 24.16 -33.85 -2.09
C ASP B 210 22.74 -34.23 -1.67
N LEU B 211 21.85 -33.25 -1.56
CA LEU B 211 20.47 -33.46 -1.14
C LEU B 211 19.65 -34.21 -2.19
N GLU B 212 19.82 -33.87 -3.48
CA GLU B 212 18.90 -34.37 -4.51
C GLU B 212 19.40 -35.67 -5.13
N GLY B 213 20.60 -36.10 -4.76
CA GLY B 213 21.25 -37.25 -5.38
C GLY B 213 20.74 -38.61 -4.89
N ASP B 214 19.90 -38.62 -3.84
CA ASP B 214 19.30 -39.86 -3.35
C ASP B 214 18.43 -40.49 -4.43
N ALA B 215 18.51 -41.83 -4.54
CA ALA B 215 17.97 -42.56 -5.68
C ALA B 215 16.43 -42.46 -5.75
N GLN B 216 15.78 -42.40 -4.57
CA GLN B 216 14.33 -42.26 -4.51
C GLN B 216 13.93 -40.92 -5.14
N SER B 217 14.65 -39.85 -4.73
CA SER B 217 14.41 -38.51 -5.23
C SER B 217 14.67 -38.45 -6.73
N VAL B 218 15.74 -39.12 -7.18
CA VAL B 218 16.09 -39.16 -8.59
C VAL B 218 14.96 -39.82 -9.40
N LEU B 219 14.40 -40.92 -8.87
CA LEU B 219 13.37 -41.68 -9.58
C LEU B 219 12.07 -40.86 -9.62
N ASP B 220 11.76 -40.19 -8.50
CA ASP B 220 10.62 -39.30 -8.40
C ASP B 220 10.67 -38.26 -9.52
N ALA B 221 11.82 -37.56 -9.62
CA ALA B 221 11.97 -36.46 -10.56
C ALA B 221 11.92 -36.96 -12.00
N ARG B 222 12.52 -38.15 -12.24
CA ARG B 222 12.54 -38.75 -13.56
C ARG B 222 11.12 -39.13 -14.00
N GLU B 223 10.33 -39.68 -13.07
CA GLU B 223 8.96 -40.10 -13.35
C GLU B 223 8.11 -38.90 -13.82
N LEU B 224 8.30 -37.76 -13.14
CA LEU B 224 7.62 -36.52 -13.48
C LEU B 224 8.25 -35.85 -14.69
N GLY B 225 9.32 -36.46 -15.23
CA GLY B 225 10.01 -35.93 -16.41
C GLY B 225 10.77 -34.64 -16.08
N MET B 226 11.10 -34.45 -14.80
CA MET B 226 11.90 -33.32 -14.37
C MET B 226 13.37 -33.66 -14.57
N GLU B 227 14.23 -32.64 -14.48
CA GLU B 227 15.65 -32.91 -14.33
C GLU B 227 15.82 -33.81 -13.11
N GLU B 228 16.80 -34.70 -13.16
CA GLU B 228 17.00 -35.69 -12.09
C GLU B 228 17.18 -34.98 -10.75
N ARG B 229 17.82 -33.79 -10.78
CA ARG B 229 18.10 -33.00 -9.59
C ARG B 229 17.62 -31.58 -9.87
N PRO B 230 16.33 -31.28 -9.64
CA PRO B 230 15.72 -30.02 -10.12
C PRO B 230 16.42 -28.74 -9.67
N TYR B 231 16.65 -28.56 -8.36
CA TYR B 231 17.26 -27.33 -7.88
C TYR B 231 18.70 -27.27 -8.36
N SER B 232 19.38 -28.42 -8.38
CA SER B 232 20.73 -28.48 -8.88
C SER B 232 20.77 -27.97 -10.31
N SER B 233 19.84 -28.46 -11.14
CA SER B 233 19.73 -28.08 -12.55
CA SER B 233 19.85 -28.06 -12.54
C SER B 233 19.54 -26.58 -12.69
N ARG B 234 18.67 -26.02 -11.84
CA ARG B 234 18.41 -24.58 -11.90
C ARG B 234 19.63 -23.77 -11.47
N LEU B 235 20.39 -24.24 -10.49
CA LEU B 235 21.60 -23.56 -10.06
C LEU B 235 22.64 -23.58 -11.19
N LYS B 236 22.73 -24.68 -11.94
CA LYS B 236 23.60 -24.73 -13.11
C LYS B 236 23.17 -23.68 -14.14
N LYS B 237 21.85 -23.51 -14.33
CA LYS B 237 21.30 -22.52 -15.24
C LYS B 237 21.66 -21.10 -14.79
N ILE B 238 21.64 -20.86 -13.47
CA ILE B 238 22.08 -19.57 -12.95
C ILE B 238 23.53 -19.29 -13.35
N GLY B 239 24.39 -20.31 -13.25
CA GLY B 239 25.78 -20.15 -13.60
C GLY B 239 25.94 -19.75 -15.07
N GLU B 240 25.10 -20.32 -15.94
CA GLU B 240 25.17 -20.01 -17.36
C GLU B 240 24.71 -18.58 -17.59
N LEU B 241 23.61 -18.20 -16.92
CA LEU B 241 23.05 -16.87 -17.01
C LEU B 241 24.06 -15.82 -16.56
N LEU B 242 24.81 -16.09 -15.48
CA LEU B 242 25.75 -15.13 -14.95
C LEU B 242 26.91 -14.89 -15.91
N ASP B 243 27.15 -15.83 -16.86
CA ASP B 243 28.21 -15.68 -17.83
C ASP B 243 27.69 -15.20 -19.18
N GLN B 244 26.37 -15.02 -19.31
CA GLN B 244 25.77 -14.73 -20.60
C GLN B 244 25.79 -13.22 -20.90
N ALA B 245 25.97 -12.88 -22.18
CA ALA B 245 25.96 -11.49 -22.62
C ALA B 245 24.52 -11.00 -22.74
N SER B 246 24.33 -9.72 -22.43
CA SER B 246 23.11 -8.98 -22.71
C SER B 246 21.87 -9.72 -22.22
N VAL B 247 21.89 -10.17 -20.96
CA VAL B 247 20.78 -10.89 -20.37
C VAL B 247 19.60 -9.94 -20.18
N THR B 248 18.40 -10.36 -20.63
CA THR B 248 17.18 -9.57 -20.49
C THR B 248 16.30 -10.17 -19.40
N ARG B 249 15.35 -9.36 -18.93
CA ARG B 249 14.31 -9.80 -18.01
C ARG B 249 13.57 -11.02 -18.56
N GLU B 250 13.25 -11.01 -19.87
CA GLU B 250 12.52 -12.10 -20.49
C GLU B 250 13.28 -13.40 -20.36
N GLU B 251 14.60 -13.32 -20.59
CA GLU B 251 15.45 -14.50 -20.50
C GLU B 251 15.45 -15.01 -19.06
N VAL B 252 15.64 -14.11 -18.11
CA VAL B 252 15.74 -14.50 -16.71
C VAL B 252 14.45 -15.19 -16.28
N VAL B 253 13.31 -14.53 -16.55
CA VAL B 253 12.01 -15.06 -16.15
C VAL B 253 11.68 -16.33 -16.90
N SER B 254 11.96 -16.39 -18.20
CA SER B 254 11.65 -17.60 -18.96
C SER B 254 12.48 -18.79 -18.48
N GLU B 255 13.70 -18.56 -17.98
CA GLU B 255 14.59 -19.65 -17.63
C GLU B 255 14.45 -20.03 -16.15
N LEU B 256 14.22 -19.05 -15.28
CA LEU B 256 14.20 -19.28 -13.84
C LEU B 256 12.80 -19.19 -13.26
N GLY B 257 11.89 -18.42 -13.88
CA GLY B 257 10.55 -18.23 -13.32
C GLY B 257 10.48 -16.98 -12.43
N ASN B 258 9.25 -16.51 -12.18
CA ASN B 258 9.01 -15.43 -11.23
C ASN B 258 7.66 -15.68 -10.55
N GLY B 259 7.40 -16.95 -10.22
CA GLY B 259 6.08 -17.40 -9.80
C GLY B 259 6.02 -17.67 -8.31
N ILE B 260 4.85 -18.14 -7.86
CA ILE B 260 4.58 -18.37 -6.45
C ILE B 260 5.16 -19.71 -6.01
N ALA B 261 5.53 -20.57 -6.95
CA ALA B 261 6.11 -21.86 -6.61
C ALA B 261 7.56 -21.65 -6.14
N ALA B 262 7.99 -22.42 -5.14
CA ALA B 262 9.36 -22.34 -4.65
C ALA B 262 10.37 -22.54 -5.79
N PHE B 263 10.07 -23.47 -6.69
CA PHE B 263 10.99 -23.84 -7.76
C PHE B 263 11.19 -22.67 -8.72
N GLU B 264 10.14 -21.84 -8.86
CA GLU B 264 10.15 -20.71 -9.78
C GLU B 264 10.37 -19.37 -9.08
N SER B 265 10.92 -19.36 -7.85
CA SER B 265 11.16 -18.11 -7.14
C SER B 265 12.44 -18.14 -6.31
N VAL B 266 12.76 -19.27 -5.67
CA VAL B 266 13.92 -19.30 -4.80
C VAL B 266 15.19 -19.14 -5.65
N PRO B 267 15.37 -19.93 -6.73
CA PRO B 267 16.54 -19.70 -7.59
C PRO B 267 16.60 -18.29 -8.18
N THR B 268 15.43 -17.75 -8.51
CA THR B 268 15.37 -16.42 -9.08
C THR B 268 15.90 -15.40 -8.07
N ALA B 269 15.50 -15.55 -6.82
CA ALA B 269 15.97 -14.68 -5.76
C ALA B 269 17.49 -14.76 -5.63
N ILE B 270 18.02 -15.98 -5.65
CA ILE B 270 19.46 -16.20 -5.56
C ILE B 270 20.18 -15.57 -6.74
N TYR B 271 19.65 -15.75 -7.95
CA TYR B 271 20.17 -15.08 -9.14
C TYR B 271 20.23 -13.58 -8.93
N CYS B 272 19.16 -12.98 -8.40
CA CYS B 272 19.15 -11.53 -8.18
C CYS B 272 20.31 -11.12 -7.28
N PHE B 273 20.51 -11.85 -6.19
CA PHE B 273 21.60 -11.55 -5.28
C PHE B 273 22.95 -11.62 -6.01
N LEU B 274 23.20 -12.73 -6.70
CA LEU B 274 24.50 -12.98 -7.30
C LEU B 274 24.78 -11.94 -8.38
N ARG B 275 23.80 -11.73 -9.26
CA ARG B 275 23.92 -10.74 -10.32
C ARG B 275 24.29 -9.35 -9.79
N CYS B 276 23.62 -8.93 -8.72
CA CYS B 276 23.76 -7.57 -8.22
C CYS B 276 24.97 -7.38 -7.29
N MET B 277 25.81 -8.41 -7.13
CA MET B 277 27.08 -8.28 -6.44
C MET B 277 28.00 -7.29 -7.18
N GLU B 278 27.74 -7.07 -8.47
CA GLU B 278 28.52 -6.13 -9.26
C GLU B 278 27.64 -4.97 -9.70
N PRO B 279 28.22 -3.79 -9.99
CA PRO B 279 27.45 -2.65 -10.46
C PRO B 279 26.66 -2.98 -11.73
N ASP B 280 25.45 -2.40 -11.82
CA ASP B 280 24.59 -2.51 -12.99
C ASP B 280 24.45 -1.11 -13.56
N PRO B 281 24.90 -0.85 -14.81
CA PRO B 281 24.81 0.51 -15.38
C PRO B 281 23.39 1.05 -15.58
N GLU B 282 22.37 0.19 -15.55
CA GLU B 282 20.98 0.61 -15.66
C GLU B 282 20.39 1.04 -14.31
N ILE B 283 21.13 0.80 -13.21
CA ILE B 283 20.68 1.23 -11.88
C ILE B 283 21.68 2.24 -11.34
N PRO B 284 21.25 3.49 -11.08
CA PRO B 284 22.15 4.53 -10.60
C PRO B 284 23.07 4.06 -9.48
N SER B 285 24.34 4.44 -9.59
CA SER B 285 25.38 4.04 -8.68
C SER B 285 25.16 4.64 -7.29
N ALA B 286 24.29 5.67 -7.16
CA ALA B 286 24.00 6.22 -5.84
C ALA B 286 23.30 5.18 -4.95
N PHE B 287 22.64 4.18 -5.56
CA PHE B 287 22.03 3.07 -4.82
C PHE B 287 23.13 2.11 -4.40
N ASN B 288 23.09 1.66 -3.13
CA ASN B 288 24.06 0.70 -2.65
C ASN B 288 23.71 -0.69 -3.18
N SER B 289 24.52 -1.68 -2.81
CA SER B 289 24.39 -3.04 -3.31
C SER B 289 23.08 -3.68 -2.85
N LEU B 290 22.69 -3.44 -1.59
CA LEU B 290 21.42 -3.96 -1.10
C LEU B 290 20.25 -3.35 -1.88
N GLN B 291 20.29 -2.03 -2.06
CA GLN B 291 19.23 -1.32 -2.76
C GLN B 291 19.13 -1.81 -4.19
N ARG B 292 20.29 -1.94 -4.85
CA ARG B 292 20.37 -2.42 -6.23
C ARG B 292 19.70 -3.79 -6.35
N THR B 293 19.99 -4.67 -5.38
CA THR B 293 19.44 -6.02 -5.37
C THR B 293 17.91 -5.99 -5.30
N LEU B 294 17.36 -5.15 -4.41
CA LEU B 294 15.92 -5.07 -4.24
C LEU B 294 15.25 -4.52 -5.50
N ILE B 295 15.79 -3.41 -6.02
CA ILE B 295 15.28 -2.78 -7.22
C ILE B 295 15.27 -3.79 -8.36
N TYR B 296 16.39 -4.51 -8.53
CA TYR B 296 16.52 -5.44 -9.63
C TYR B 296 15.45 -6.51 -9.50
N SER B 297 15.32 -7.08 -8.31
CA SER B 297 14.37 -8.17 -8.07
C SER B 297 12.95 -7.70 -8.40
N ILE B 298 12.63 -6.46 -8.03
CA ILE B 298 11.30 -5.90 -8.24
C ILE B 298 11.04 -5.76 -9.75
N SER B 299 12.09 -5.41 -10.50
CA SER B 299 11.97 -5.21 -11.95
C SER B 299 11.65 -6.51 -12.70
N LEU B 300 11.73 -7.67 -12.05
CA LEU B 300 11.42 -8.94 -12.71
C LEU B 300 9.91 -9.21 -12.72
N GLY B 301 9.16 -8.57 -11.83
CA GLY B 301 7.72 -8.77 -11.79
C GLY B 301 7.37 -10.15 -11.25
N GLY B 302 6.09 -10.55 -11.46
CA GLY B 302 5.60 -11.81 -10.96
C GLY B 302 5.36 -11.73 -9.45
N ASP B 303 5.88 -12.72 -8.70
CA ASP B 303 5.69 -12.77 -7.26
C ASP B 303 6.75 -11.93 -6.55
N THR B 304 6.70 -10.63 -6.79
CA THR B 304 7.73 -9.68 -6.42
C THR B 304 7.93 -9.64 -4.92
N ASP B 305 6.80 -9.67 -4.20
CA ASP B 305 6.80 -9.68 -2.76
C ASP B 305 7.79 -10.72 -2.23
N THR B 306 7.57 -11.99 -2.60
CA THR B 306 8.37 -13.05 -2.01
C THR B 306 9.76 -13.13 -2.63
N ILE B 307 9.91 -12.86 -3.94
CA ILE B 307 11.23 -12.84 -4.56
C ILE B 307 12.10 -11.77 -3.88
N ALA B 308 11.55 -10.56 -3.69
CA ALA B 308 12.31 -9.50 -3.04
C ALA B 308 12.60 -9.82 -1.58
N THR B 309 11.64 -10.47 -0.88
CA THR B 309 11.85 -10.89 0.51
C THR B 309 13.07 -11.79 0.62
N MET B 310 13.18 -12.78 -0.28
CA MET B 310 14.24 -13.77 -0.20
C MET B 310 15.58 -13.18 -0.67
N ALA B 311 15.55 -12.39 -1.74
CA ALA B 311 16.77 -11.73 -2.18
C ALA B 311 17.28 -10.78 -1.10
N GLY B 312 16.35 -10.08 -0.47
CA GLY B 312 16.70 -9.14 0.56
C GLY B 312 17.32 -9.80 1.79
N ALA B 313 16.84 -11.00 2.17
CA ALA B 313 17.43 -11.72 3.29
C ALA B 313 18.90 -12.03 3.01
N ILE B 314 19.16 -12.55 1.80
CA ILE B 314 20.51 -12.94 1.41
C ILE B 314 21.41 -11.70 1.36
N ALA B 315 20.96 -10.65 0.66
CA ALA B 315 21.77 -9.46 0.49
C ALA B 315 22.01 -8.77 1.83
N GLY B 316 21.00 -8.78 2.71
CA GLY B 316 21.13 -8.18 4.02
C GLY B 316 22.21 -8.86 4.88
N ALA B 317 22.24 -10.18 4.84
CA ALA B 317 23.25 -10.95 5.55
C ALA B 317 24.64 -10.65 5.01
N TYR B 318 24.73 -10.47 3.69
CA TYR B 318 26.01 -10.32 3.02
C TYR B 318 26.59 -8.92 3.18
N TYR B 319 25.74 -7.89 3.02
CA TYR B 319 26.19 -6.50 3.03
C TYR B 319 26.12 -5.90 4.43
N GLY B 320 25.24 -6.45 5.28
CA GLY B 320 25.17 -6.01 6.67
C GLY B 320 24.38 -4.72 6.83
N MET B 321 24.29 -4.29 8.10
CA MET B 321 23.43 -3.18 8.47
C MET B 321 23.97 -1.87 7.89
N ASP B 322 25.28 -1.79 7.61
CA ASP B 322 25.89 -0.64 6.96
C ASP B 322 25.13 -0.25 5.70
N GLN B 323 24.51 -1.23 5.02
CA GLN B 323 23.87 -0.96 3.74
C GLN B 323 22.35 -0.93 3.86
N VAL B 324 21.82 -1.00 5.09
CA VAL B 324 20.39 -0.84 5.28
C VAL B 324 20.10 0.65 5.40
N PRO B 325 19.47 1.30 4.39
CA PRO B 325 19.29 2.75 4.42
C PRO B 325 18.21 3.07 5.44
N GLU B 326 18.50 3.98 6.37
CA GLU B 326 17.55 4.33 7.40
C GLU B 326 16.20 4.79 6.83
N SER B 327 16.23 5.56 5.74
CA SER B 327 14.99 6.09 5.17
C SER B 327 14.13 4.97 4.58
N TRP B 328 14.77 3.90 4.07
CA TRP B 328 14.02 2.75 3.62
C TRP B 328 13.52 1.94 4.81
N GLN B 329 14.44 1.59 5.72
CA GLN B 329 14.13 0.74 6.87
C GLN B 329 12.97 1.35 7.66
N GLN B 330 13.04 2.66 7.93
CA GLN B 330 12.09 3.31 8.83
C GLN B 330 10.72 3.47 8.17
N SER B 331 10.60 3.19 6.86
CA SER B 331 9.32 3.18 6.15
C SER B 331 8.56 1.87 6.37
N CYS B 332 9.24 0.84 6.89
CA CYS B 332 8.70 -0.49 7.00
C CYS B 332 8.03 -0.72 8.36
N GLU B 333 6.83 -1.27 8.30
CA GLU B 333 6.08 -1.67 9.49
C GLU B 333 6.86 -2.66 10.33
N GLY B 334 7.06 -2.33 11.62
CA GLY B 334 7.65 -3.25 12.57
C GLY B 334 9.17 -3.34 12.46
N TYR B 335 9.83 -2.38 11.81
CA TYR B 335 11.27 -2.47 11.60
C TYR B 335 12.02 -2.55 12.94
N GLU B 336 11.52 -1.89 14.00
CA GLU B 336 12.20 -1.97 15.29
C GLU B 336 12.04 -3.35 15.91
N GLU B 337 10.83 -3.92 15.84
CA GLU B 337 10.61 -5.28 16.31
C GLU B 337 11.49 -6.27 15.54
N THR B 338 11.57 -6.12 14.22
CA THR B 338 12.43 -6.98 13.41
C THR B 338 13.88 -6.88 13.90
N ASP B 339 14.34 -5.65 14.18
CA ASP B 339 15.71 -5.45 14.61
C ASP B 339 15.98 -6.08 15.98
N ILE B 340 15.06 -5.88 16.93
CA ILE B 340 15.19 -6.53 18.24
C ILE B 340 15.25 -8.06 18.12
N LEU B 341 14.45 -8.65 17.22
CA LEU B 341 14.47 -10.09 17.04
C LEU B 341 15.84 -10.53 16.50
N ALA B 342 16.44 -9.75 15.60
CA ALA B 342 17.76 -10.10 15.07
C ALA B 342 18.81 -10.05 16.18
N GLN B 343 18.73 -9.00 17.03
CA GLN B 343 19.69 -8.87 18.11
C GLN B 343 19.52 -10.01 19.11
N SER B 344 18.27 -10.42 19.35
CA SER B 344 17.99 -11.50 20.29
C SER B 344 18.50 -12.84 19.76
N LEU B 345 18.29 -13.10 18.46
CA LEU B 345 18.85 -14.29 17.83
C LEU B 345 20.36 -14.32 18.01
N HIS B 346 21.04 -13.18 17.78
CA HIS B 346 22.48 -13.11 17.96
C HIS B 346 22.87 -13.43 19.40
N ARG B 347 22.18 -12.83 20.38
CA ARG B 347 22.50 -13.04 21.79
C ARG B 347 22.32 -14.50 22.19
N VAL B 348 21.22 -15.11 21.76
CA VAL B 348 20.84 -16.42 22.25
C VAL B 348 21.65 -17.50 21.56
N PHE B 349 21.88 -17.34 20.25
CA PHE B 349 22.36 -18.44 19.44
C PHE B 349 23.79 -18.25 18.96
N GLN B 350 24.31 -17.02 18.93
CA GLN B 350 25.62 -16.78 18.34
C GLN B 350 26.61 -16.45 19.44
N LYS B 351 27.14 -17.49 20.07
CA LYS B 351 27.92 -17.36 21.28
C LYS B 351 29.41 -17.21 20.97
N SER B 352 29.75 -17.25 19.66
CA SER B 352 31.10 -17.06 19.15
C SER B 352 31.20 -15.71 18.39
#